data_7PGO
#
_entry.id   7PGO
#
_cell.length_a   84.546
_cell.length_b   108.200
_cell.length_c   124.610
_cell.angle_alpha   90.000
_cell.angle_beta   90.000
_cell.angle_gamma   90.000
#
_symmetry.space_group_name_H-M   'P 21 21 21'
#
loop_
_entity.id
_entity.type
_entity.pdbx_description
1 polymer Beta-lactamase
2 non-polymer 1-BUTANOL
3 non-polymer 'BROMIDE ION'
4 water water
#
_entity_poly.entity_id   1
_entity_poly.type   'polypeptide(L)'
_entity_poly.pdbx_seq_one_letter_code
;MHHHHHHSAGENLYFQGKEWQENKSWNAHFTEHKSQGVVVLWNENKQQGFTNNLKRANQAFLPASTF(KCX)IPNSLIAL
DLGVVKDEHQVFKWDGQTRDIATWNRDHNLITAMKYSVVPVYQEFARQIGEARMSKMLHAFDYGNEDISGNVDSFWLDGG
IRISATEQISFLRKLYHNKLHVSERSQRIVKQAMLTEANGDYIIRAKTGYSTRIEPKIGWWVGWVELDDNVWFFAMNMDM
PTSDGLGLAQAITKEVLKQEKIIP
;
_entity_poly.pdbx_strand_id   AAA,BBB,CCC,DDD
#
loop_
_chem_comp.id
_chem_comp.type
_chem_comp.name
_chem_comp.formula
1BO non-polymer 1-BUTANOL 'C4 H10 O'
BR non-polymer 'BROMIDE ION' 'Br -1'
#
# COMPACT_ATOMS: atom_id res chain seq x y z
N GLY A 17 27.07 7.12 35.46
CA GLY A 17 25.80 7.92 35.59
C GLY A 17 25.39 8.65 34.31
N LYS A 18 26.24 8.62 33.26
CA LYS A 18 26.01 9.29 31.95
C LYS A 18 24.67 8.83 31.33
N GLU A 19 23.90 9.78 30.76
CA GLU A 19 22.48 9.52 30.40
C GLU A 19 22.42 8.69 29.11
N TRP A 20 23.06 9.13 28.03
CA TRP A 20 23.05 8.44 26.71
C TRP A 20 24.47 8.06 26.32
N GLN A 21 24.71 6.80 25.96
CA GLN A 21 26.05 6.32 25.54
C GLN A 21 25.91 5.60 24.21
N GLU A 22 26.87 5.86 23.32
CA GLU A 22 26.92 5.24 21.99
C GLU A 22 27.82 4.03 22.06
N ASN A 23 27.36 2.91 21.51
CA ASN A 23 28.13 1.64 21.48
C ASN A 23 28.08 1.15 20.05
N LYS A 24 29.06 1.55 19.25
CA LYS A 24 29.11 1.23 17.80
C LYS A 24 29.44 -0.25 17.59
N SER A 25 29.88 -0.98 18.62
CA SER A 25 30.20 -2.43 18.50
C SER A 25 28.92 -3.17 18.08
N TRP A 26 27.73 -2.67 18.40
CA TRP A 26 26.47 -3.32 17.98
C TRP A 26 26.35 -3.33 16.47
N ASN A 27 27.03 -2.41 15.78
CA ASN A 27 26.99 -2.34 14.30
C ASN A 27 27.43 -3.69 13.72
N ALA A 28 28.26 -4.46 14.43
CA ALA A 28 28.72 -5.80 13.96
C ALA A 28 27.50 -6.72 13.73
N HIS A 29 26.45 -6.58 14.55
CA HIS A 29 25.21 -7.40 14.42
C HIS A 29 24.44 -6.97 13.17
N PHE A 30 24.42 -5.68 12.84
CA PHE A 30 23.78 -5.19 11.59
C PHE A 30 24.62 -5.67 10.38
N THR A 31 25.95 -5.51 10.44
CA THR A 31 26.88 -5.87 9.33
C THR A 31 26.77 -7.38 9.02
N GLU A 32 26.75 -8.22 10.08
CA GLU A 32 26.63 -9.70 10.00
C GLU A 32 25.38 -10.05 9.18
N HIS A 33 24.29 -9.29 9.34
CA HIS A 33 23.00 -9.55 8.65
C HIS A 33 22.86 -8.64 7.44
N LYS A 34 23.96 -8.03 6.97
CA LYS A 34 23.98 -7.17 5.75
C LYS A 34 22.91 -6.06 5.85
N SER A 35 22.75 -5.46 7.01
CA SER A 35 21.66 -4.49 7.30
C SER A 35 22.22 -3.22 7.92
N GLN A 36 21.37 -2.21 8.02
CA GLN A 36 21.68 -0.94 8.71
C GLN A 36 20.46 -0.58 9.56
N GLY A 37 20.72 -0.05 10.74
CA GLY A 37 19.65 0.45 11.59
C GLY A 37 20.16 0.86 12.93
N VAL A 38 19.24 0.97 13.86
CA VAL A 38 19.54 1.46 15.24
C VAL A 38 18.79 0.56 16.22
N VAL A 39 19.47 0.24 17.31
CA VAL A 39 18.87 -0.31 18.54
C VAL A 39 19.05 0.71 19.64
N VAL A 40 17.98 1.03 20.33
CA VAL A 40 18.03 1.88 21.54
C VAL A 40 17.59 1.01 22.73
N LEU A 41 18.40 0.98 23.78
CA LEU A 41 18.09 0.33 25.07
C LEU A 41 17.98 1.40 26.16
N TRP A 42 17.11 1.16 27.12
CA TRP A 42 16.98 1.99 28.33
C TRP A 42 16.93 1.08 29.56
N ASN A 43 17.93 1.20 30.41
CA ASN A 43 18.03 0.53 31.72
C ASN A 43 17.16 1.30 32.70
N GLU A 44 16.01 0.76 33.11
CA GLU A 44 15.04 1.50 33.93
C GLU A 44 15.63 1.77 35.32
N ASN A 45 16.31 0.80 35.93
CA ASN A 45 16.84 0.99 37.31
C ASN A 45 17.86 2.12 37.29
N LYS A 46 18.76 2.12 36.31
CA LYS A 46 19.92 3.05 36.24
C LYS A 46 19.52 4.35 35.55
N GLN A 47 18.38 4.42 34.86
CA GLN A 47 17.96 5.62 34.10
C GLN A 47 19.10 6.01 33.14
N GLN A 48 19.60 5.03 32.39
CA GLN A 48 20.67 5.19 31.38
C GLN A 48 20.23 4.55 30.06
N GLY A 49 20.53 5.23 28.96
CA GLY A 49 20.23 4.82 27.58
C GLY A 49 21.49 4.44 26.83
N PHE A 50 21.37 3.47 25.92
CA PHE A 50 22.48 2.93 25.10
C PHE A 50 21.98 2.79 23.66
N THR A 51 22.80 3.14 22.69
CA THR A 51 22.45 3.00 21.26
C THR A 51 23.72 2.88 20.43
N ASN A 52 23.63 2.22 19.28
CA ASN A 52 24.75 2.14 18.32
C ASN A 52 24.79 3.41 17.46
N ASN A 53 23.77 4.27 17.49
CA ASN A 53 23.70 5.42 16.55
C ASN A 53 22.83 6.51 17.18
N LEU A 54 23.44 7.47 17.87
CA LEU A 54 22.72 8.54 18.60
C LEU A 54 21.87 9.33 17.61
N LYS A 55 22.36 9.61 16.41
CA LYS A 55 21.59 10.38 15.41
C LYS A 55 20.34 9.60 14.98
N ARG A 56 20.50 8.36 14.51
CA ARG A 56 19.35 7.58 14.01
C ARG A 56 18.37 7.25 15.16
N ALA A 57 18.86 7.09 16.39
CA ALA A 57 18.03 6.89 17.60
C ALA A 57 16.99 8.01 17.69
N ASN A 58 17.31 9.22 17.21
CA ASN A 58 16.48 10.45 17.35
C ASN A 58 15.85 10.84 16.01
N GLN A 59 15.97 10.01 14.99
CA GLN A 59 15.30 10.22 13.68
C GLN A 59 13.89 9.61 13.72
N ALA A 60 12.91 10.34 13.21
CA ALA A 60 11.48 10.01 13.33
C ALA A 60 11.04 9.38 12.01
N PHE A 61 10.30 8.28 12.13
CA PHE A 61 9.74 7.51 11.01
C PHE A 61 8.24 7.29 11.25
N LEU A 62 7.52 6.92 10.20
CA LEU A 62 6.15 6.40 10.34
C LEU A 62 6.20 5.22 11.32
N PRO A 63 5.27 5.18 12.28
CA PRO A 63 5.23 4.08 13.25
C PRO A 63 4.73 2.75 12.68
N ALA A 64 3.97 2.79 11.58
CA ALA A 64 3.29 1.62 11.00
C ALA A 64 2.63 0.83 12.17
N SER A 65 2.73 -0.49 12.19
CA SER A 65 1.95 -1.30 13.15
C SER A 65 2.41 -1.10 14.61
N THR A 66 3.53 -0.42 14.89
CA THR A 66 3.87 -0.05 16.31
C THR A 66 2.76 0.88 16.82
N PHE A 67 2.03 1.53 15.91
CA PHE A 67 0.89 2.41 16.28
C PHE A 67 -0.27 1.59 16.90
N KCX A 68 -0.26 0.27 16.73
CA KCX A 68 -1.31 -0.53 17.34
CB KCX A 68 -1.23 -1.99 16.84
CG KCX A 68 -1.71 -2.14 15.39
CD KCX A 68 -1.59 -3.53 14.81
CE KCX A 68 -2.20 -3.64 13.42
NZ KCX A 68 -1.41 -2.97 12.40
C KCX A 68 -1.28 -0.43 18.86
O KCX A 68 -2.31 -0.64 19.50
CX KCX A 68 -1.65 -1.68 11.98
OQ1 KCX A 68 -2.61 -1.00 12.31
OQ2 KCX A 68 -0.68 -1.21 11.17
H KCX A 68 0.45 -0.18 16.18
HA KCX A 68 -2.18 -0.17 17.03
HB2 KCX A 68 -1.79 -2.55 17.40
HB3 KCX A 68 -0.31 -2.29 16.90
HG2 KCX A 68 -1.17 -1.52 14.83
HG3 KCX A 68 -2.64 -1.84 15.33
HD2 KCX A 68 -2.07 -4.16 15.40
HD3 KCX A 68 -0.66 -3.80 14.77
HE2 KCX A 68 -3.10 -3.24 13.43
HE3 KCX A 68 -2.29 -4.58 13.19
HZ KCX A 68 -0.76 -3.40 12.03
HQ2 KCX A 68 -0.05 -1.81 11.07
N ILE A 69 -0.14 -0.07 19.47
CA ILE A 69 -0.11 0.10 20.91
C ILE A 69 -0.99 1.28 21.30
N PRO A 70 -0.74 2.55 20.91
CA PRO A 70 -1.62 3.64 21.30
C PRO A 70 -3.06 3.48 20.76
N ASN A 71 -3.21 2.93 19.55
CA ASN A 71 -4.54 2.72 18.93
C ASN A 71 -5.37 1.80 19.85
N SER A 72 -4.79 0.69 20.31
CA SER A 72 -5.46 -0.25 21.27
C SER A 72 -5.88 0.51 22.52
N LEU A 73 -4.96 1.27 23.11
CA LEU A 73 -5.21 1.99 24.37
C LEU A 73 -6.44 2.89 24.20
N ILE A 74 -6.48 3.63 23.11
CA ILE A 74 -7.53 4.66 22.88
C ILE A 74 -8.86 3.93 22.65
N ALA A 75 -8.84 2.88 21.83
CA ALA A 75 -10.04 2.07 21.52
C ALA A 75 -10.62 1.48 22.83
N LEU A 76 -9.77 0.98 23.72
CA LEU A 76 -10.23 0.39 25.01
C LEU A 76 -10.78 1.50 25.91
N ASP A 77 -10.08 2.63 25.99
CA ASP A 77 -10.44 3.68 26.95
C ASP A 77 -11.77 4.32 26.55
N LEU A 78 -12.06 4.40 25.25
CA LEU A 78 -13.32 4.98 24.72
C LEU A 78 -14.46 3.94 24.61
N GLY A 79 -14.19 2.66 24.83
CA GLY A 79 -15.23 1.60 24.79
C GLY A 79 -15.49 1.08 23.39
N VAL A 80 -14.67 1.46 22.41
CA VAL A 80 -14.72 0.91 21.03
C VAL A 80 -14.36 -0.57 21.11
N VAL A 81 -13.40 -0.93 21.96
CA VAL A 81 -13.10 -2.33 22.34
C VAL A 81 -13.54 -2.52 23.79
N LYS A 82 -14.45 -3.45 24.05
CA LYS A 82 -14.99 -3.68 25.42
CA LYS A 82 -14.98 -3.66 25.43
C LYS A 82 -13.91 -4.38 26.25
N ASP A 83 -13.27 -5.38 25.66
CA ASP A 83 -12.24 -6.17 26.36
C ASP A 83 -11.47 -6.99 25.32
N GLU A 84 -10.50 -7.76 25.80
CA GLU A 84 -9.57 -8.54 24.95
C GLU A 84 -10.27 -9.78 24.34
N HIS A 85 -11.54 -10.03 24.67
CA HIS A 85 -12.31 -11.21 24.17
C HIS A 85 -13.25 -10.81 23.04
N GLN A 86 -13.65 -9.54 22.96
CA GLN A 86 -14.58 -9.07 21.92
C GLN A 86 -14.06 -9.53 20.55
N VAL A 87 -14.95 -10.12 19.75
CA VAL A 87 -14.62 -10.64 18.41
C VAL A 87 -14.88 -9.54 17.39
N PHE A 88 -13.90 -9.30 16.51
CA PHE A 88 -14.03 -8.40 15.34
C PHE A 88 -14.12 -9.30 14.13
N LYS A 89 -15.33 -9.38 13.58
CA LYS A 89 -15.67 -10.33 12.50
C LYS A 89 -14.91 -9.89 11.25
N TRP A 90 -14.26 -10.84 10.59
CA TRP A 90 -13.68 -10.59 9.24
C TRP A 90 -14.76 -9.95 8.36
N ASP A 91 -14.43 -8.90 7.60
CA ASP A 91 -15.39 -8.20 6.69
C ASP A 91 -15.64 -9.05 5.44
N GLY A 92 -14.96 -10.19 5.30
CA GLY A 92 -15.16 -11.14 4.19
C GLY A 92 -14.48 -10.67 2.92
N GLN A 93 -13.60 -9.67 3.00
CA GLN A 93 -12.73 -9.22 1.88
C GLN A 93 -11.39 -9.93 1.97
N THR A 94 -11.09 -10.78 0.98
CA THR A 94 -9.87 -11.60 0.97
C THR A 94 -8.68 -10.65 0.80
N ARG A 95 -7.71 -10.71 1.71
CA ARG A 95 -6.46 -9.92 1.62
C ARG A 95 -5.31 -10.92 1.50
N ASP A 96 -4.09 -10.46 1.21
CA ASP A 96 -2.98 -11.38 0.85
C ASP A 96 -2.28 -11.94 2.09
N ILE A 97 -2.59 -11.46 3.29
CA ILE A 97 -2.09 -12.06 4.57
C ILE A 97 -3.18 -13.01 5.07
N ALA A 98 -2.96 -14.31 4.94
CA ALA A 98 -3.91 -15.39 5.29
C ALA A 98 -4.49 -15.16 6.70
N THR A 99 -3.64 -14.84 7.68
CA THR A 99 -4.07 -14.67 9.10
C THR A 99 -5.04 -13.48 9.23
N TRP A 100 -5.13 -12.58 8.25
CA TRP A 100 -6.08 -11.44 8.32
C TRP A 100 -7.49 -11.87 7.89
N ASN A 101 -7.61 -12.98 7.17
CA ASN A 101 -8.89 -13.45 6.58
C ASN A 101 -9.65 -14.34 7.56
N ARG A 102 -9.90 -13.82 8.76
CA ARG A 102 -10.56 -14.57 9.86
C ARG A 102 -10.95 -13.57 10.94
N ASP A 103 -11.77 -14.03 11.87
CA ASP A 103 -12.19 -13.25 13.06
C ASP A 103 -10.98 -13.05 13.96
N HIS A 104 -10.97 -11.96 14.71
CA HIS A 104 -9.85 -11.63 15.61
C HIS A 104 -10.42 -11.04 16.90
N ASN A 105 -9.63 -11.16 17.97
CA ASN A 105 -9.86 -10.34 19.19
C ASN A 105 -8.63 -9.43 19.30
N LEU A 106 -8.54 -8.64 20.37
CA LEU A 106 -7.42 -7.69 20.53
C LEU A 106 -6.08 -8.44 20.54
N ILE A 107 -6.04 -9.60 21.20
CA ILE A 107 -4.80 -10.40 21.39
C ILE A 107 -4.31 -10.84 20.01
N THR A 108 -5.18 -11.48 19.22
CA THR A 108 -4.77 -12.04 17.91
C THR A 108 -4.59 -10.90 16.89
N ALA A 109 -5.37 -9.82 16.98
CA ALA A 109 -5.23 -8.67 16.05
C ALA A 109 -3.84 -8.02 16.23
N MET A 110 -3.37 -7.92 17.47
CA MET A 110 -2.02 -7.40 17.76
C MET A 110 -0.97 -8.41 17.25
N LYS A 111 -1.13 -9.69 17.60
CA LYS A 111 -0.14 -10.74 17.30
C LYS A 111 0.12 -10.80 15.79
N TYR A 112 -0.94 -10.76 14.97
CA TYR A 112 -0.84 -10.93 13.49
C TYR A 112 -0.86 -9.56 12.79
N SER A 113 -0.84 -8.46 13.56
CA SER A 113 -0.75 -7.08 13.01
CA SER A 113 -0.77 -7.08 13.02
C SER A 113 -1.89 -6.88 12.01
N VAL A 114 -3.12 -7.08 12.44
CA VAL A 114 -4.29 -7.14 11.53
C VAL A 114 -4.78 -5.70 11.28
N VAL A 115 -4.25 -5.07 10.24
CA VAL A 115 -4.47 -3.64 9.91
C VAL A 115 -5.96 -3.34 9.81
N PRO A 116 -6.76 -4.14 9.06
CA PRO A 116 -8.17 -3.83 8.86
C PRO A 116 -8.96 -3.64 10.17
N VAL A 117 -8.67 -4.43 11.20
CA VAL A 117 -9.33 -4.34 12.52
C VAL A 117 -9.01 -2.98 13.15
N TYR A 118 -7.75 -2.56 13.07
CA TYR A 118 -7.28 -1.29 13.67
C TYR A 118 -7.76 -0.11 12.81
N GLN A 119 -7.92 -0.29 11.49
CA GLN A 119 -8.49 0.79 10.65
C GLN A 119 -9.93 1.03 11.10
N GLU A 120 -10.69 -0.03 11.43
CA GLU A 120 -12.08 0.11 11.91
C GLU A 120 -12.08 0.82 13.27
N PHE A 121 -11.18 0.45 14.19
CA PHE A 121 -11.04 1.15 15.49
C PHE A 121 -10.86 2.63 15.24
N ALA A 122 -9.91 2.97 14.38
CA ALA A 122 -9.51 4.38 14.10
C ALA A 122 -10.73 5.15 13.58
N ARG A 123 -11.52 4.55 12.67
CA ARG A 123 -12.75 5.22 12.12
C ARG A 123 -13.73 5.52 13.25
N GLN A 124 -13.92 4.59 14.18
CA GLN A 124 -14.87 4.77 15.32
C GLN A 124 -14.29 5.77 16.33
N ILE A 125 -12.99 5.76 16.54
CA ILE A 125 -12.34 6.77 17.41
C ILE A 125 -12.63 8.16 16.83
N GLY A 126 -12.36 8.34 15.54
CA GLY A 126 -12.49 9.63 14.84
C GLY A 126 -11.33 10.58 15.07
N GLU A 127 -11.17 11.54 14.14
CA GLU A 127 -10.04 12.50 14.10
C GLU A 127 -9.88 13.22 15.44
N ALA A 128 -10.96 13.83 15.93
CA ALA A 128 -10.85 14.74 17.09
C ALA A 128 -10.31 13.96 18.29
N ARG A 129 -10.87 12.79 18.60
CA ARG A 129 -10.47 12.03 19.82
C ARG A 129 -9.06 11.46 19.60
N MET A 130 -8.74 11.00 18.39
CA MET A 130 -7.41 10.42 18.08
C MET A 130 -6.33 11.49 18.35
N SER A 131 -6.49 12.67 17.76
CA SER A 131 -5.63 13.85 17.95
C SER A 131 -5.48 14.20 19.44
N LYS A 132 -6.59 14.34 20.19
CA LYS A 132 -6.51 14.72 21.62
C LYS A 132 -5.73 13.66 22.40
N MET A 133 -5.98 12.38 22.14
CA MET A 133 -5.31 11.27 22.88
C MET A 133 -3.80 11.29 22.60
N LEU A 134 -3.37 11.46 21.34
CA LEU A 134 -1.93 11.41 21.01
C LEU A 134 -1.24 12.61 21.67
N HIS A 135 -1.90 13.77 21.73
CA HIS A 135 -1.36 14.95 22.45
C HIS A 135 -1.19 14.59 23.95
N ALA A 136 -2.22 14.03 24.58
CA ALA A 136 -2.17 13.59 26.00
C ALA A 136 -1.05 12.58 26.21
N PHE A 137 -0.81 11.68 25.25
CA PHE A 137 0.24 10.65 25.34
C PHE A 137 1.63 11.23 25.07
N ASP A 138 1.71 12.47 24.56
CA ASP A 138 2.99 13.08 24.09
C ASP A 138 3.62 12.16 23.02
N TYR A 139 2.80 11.56 22.15
CA TYR A 139 3.20 10.48 21.22
C TYR A 139 3.81 11.08 19.95
N GLY A 140 5.12 10.90 19.77
CA GLY A 140 5.84 11.30 18.54
C GLY A 140 5.56 12.74 18.21
N ASN A 141 5.27 13.05 16.95
CA ASN A 141 5.00 14.46 16.56
C ASN A 141 3.51 14.79 16.77
N GLU A 142 2.72 13.84 17.27
CA GLU A 142 1.29 14.04 17.62
C GLU A 142 0.46 14.49 16.40
N ASP A 143 0.95 14.25 15.18
CA ASP A 143 0.32 14.76 13.94
C ASP A 143 -0.43 13.62 13.26
N ILE A 144 -1.77 13.72 13.21
CA ILE A 144 -2.64 12.68 12.58
C ILE A 144 -3.06 13.10 11.16
N SER A 145 -2.40 14.10 10.57
CA SER A 145 -2.79 14.63 9.24
C SER A 145 -2.84 13.47 8.23
N GLY A 146 -3.86 13.47 7.38
CA GLY A 146 -4.13 12.37 6.44
C GLY A 146 -5.42 11.70 6.82
N ASN A 147 -5.57 10.44 6.42
CA ASN A 147 -6.84 9.72 6.67
C ASN A 147 -6.79 9.13 8.07
N VAL A 148 -7.85 9.31 8.83
CA VAL A 148 -7.91 8.86 10.24
C VAL A 148 -7.64 7.35 10.30
N ASP A 149 -7.93 6.60 9.22
CA ASP A 149 -7.74 5.13 9.22
C ASP A 149 -6.42 4.71 8.55
N SER A 150 -5.51 5.64 8.20
CA SER A 150 -4.25 5.21 7.50
CA SER A 150 -4.27 5.24 7.47
C SER A 150 -3.08 6.15 7.82
N PHE A 151 -3.26 7.11 8.73
CA PHE A 151 -2.24 8.18 8.93
C PHE A 151 -0.93 7.55 9.46
N TRP A 152 -1.00 6.43 10.16
CA TRP A 152 0.20 5.75 10.73
C TRP A 152 0.92 4.95 9.65
N LEU A 153 0.32 4.84 8.48
CA LEU A 153 0.93 4.15 7.32
C LEU A 153 1.42 5.14 6.27
N ASP A 154 0.70 6.25 6.03
CA ASP A 154 1.07 7.21 4.96
C ASP A 154 0.60 8.64 5.25
N GLY A 155 0.27 8.97 6.49
CA GLY A 155 -0.03 10.35 6.89
C GLY A 155 1.16 11.01 7.56
N GLY A 156 0.86 11.94 8.48
CA GLY A 156 1.81 12.90 9.03
C GLY A 156 2.53 12.42 10.27
N ILE A 157 2.07 11.34 10.92
CA ILE A 157 2.59 10.94 12.25
C ILE A 157 4.01 10.41 12.08
N ARG A 158 4.90 10.82 12.96
CA ARG A 158 6.32 10.36 12.97
C ARG A 158 6.75 10.19 14.41
N ILE A 159 7.60 9.20 14.65
CA ILE A 159 8.15 8.89 15.98
C ILE A 159 9.57 8.31 15.81
N SER A 160 10.48 8.72 16.69
CA SER A 160 11.86 8.21 16.77
C SER A 160 11.89 7.01 17.72
N ALA A 161 12.96 6.23 17.68
CA ALA A 161 13.21 5.16 18.67
C ALA A 161 13.19 5.73 20.10
N THR A 162 13.81 6.89 20.37
CA THR A 162 13.84 7.46 21.75
C THR A 162 12.42 7.87 22.17
N GLU A 163 11.62 8.37 21.24
CA GLU A 163 10.22 8.76 21.54
C GLU A 163 9.38 7.50 21.82
N GLN A 164 9.67 6.39 21.16
CA GLN A 164 8.98 5.08 21.39
C GLN A 164 9.26 4.69 22.85
N ILE A 165 10.53 4.81 23.28
CA ILE A 165 10.93 4.42 24.66
C ILE A 165 10.20 5.32 25.67
N SER A 166 10.12 6.62 25.44
CA SER A 166 9.44 7.56 26.37
CA SER A 166 9.44 7.57 26.37
C SER A 166 7.98 7.14 26.54
N PHE A 167 7.29 6.84 25.43
CA PHE A 167 5.88 6.42 25.45
C PHE A 167 5.74 5.06 26.17
N LEU A 168 6.59 4.09 25.84
CA LEU A 168 6.53 2.73 26.45
C LEU A 168 6.77 2.83 27.96
N ARG A 169 7.65 3.71 28.42
CA ARG A 169 7.94 3.83 29.87
C ARG A 169 6.66 4.28 30.58
N LYS A 170 5.91 5.18 29.98
CA LYS A 170 4.65 5.66 30.62
C LYS A 170 3.66 4.49 30.69
N LEU A 171 3.53 3.74 29.61
CA LEU A 171 2.62 2.57 29.53
C LEU A 171 3.03 1.58 30.64
N TYR A 172 4.31 1.24 30.74
CA TYR A 172 4.82 0.26 31.73
C TYR A 172 4.37 0.68 33.13
N HIS A 173 4.46 1.97 33.47
CA HIS A 173 4.19 2.51 34.82
C HIS A 173 2.72 2.92 34.97
N ASN A 174 1.85 2.62 34.00
CA ASN A 174 0.42 3.00 34.01
C ASN A 174 0.26 4.51 34.14
N LYS A 175 1.16 5.29 33.54
CA LYS A 175 1.16 6.76 33.68
C LYS A 175 0.47 7.44 32.51
N LEU A 176 -0.01 6.72 31.49
CA LEU A 176 -0.76 7.37 30.39
C LEU A 176 -2.12 7.82 30.93
N HIS A 177 -2.73 8.84 30.31
CA HIS A 177 -4.02 9.47 30.72
C HIS A 177 -5.18 8.64 30.15
N VAL A 178 -5.18 7.35 30.44
CA VAL A 178 -6.28 6.38 30.16
C VAL A 178 -6.34 5.50 31.41
N SER A 179 -7.35 4.68 31.54
CA SER A 179 -7.58 3.87 32.77
C SER A 179 -6.37 2.93 32.95
N GLU A 180 -6.10 2.56 34.20
CA GLU A 180 -5.16 1.46 34.52
C GLU A 180 -5.56 0.20 33.74
N ARG A 181 -6.86 -0.12 33.73
CA ARG A 181 -7.42 -1.32 33.04
C ARG A 181 -7.00 -1.31 31.56
N SER A 182 -7.15 -0.19 30.86
CA SER A 182 -6.77 -0.08 29.42
C SER A 182 -5.28 -0.44 29.27
N GLN A 183 -4.47 0.08 30.16
CA GLN A 183 -3.00 -0.10 30.09
C GLN A 183 -2.63 -1.55 30.38
N ARG A 184 -3.26 -2.18 31.38
CA ARG A 184 -3.04 -3.62 31.70
C ARG A 184 -3.46 -4.48 30.51
N ILE A 185 -4.59 -4.19 29.89
CA ILE A 185 -5.07 -5.05 28.76
C ILE A 185 -4.09 -4.92 27.58
N VAL A 186 -3.59 -3.70 27.27
CA VAL A 186 -2.68 -3.54 26.11
C VAL A 186 -1.37 -4.27 26.41
N LYS A 187 -0.89 -4.19 27.65
CA LYS A 187 0.38 -4.86 28.05
C LYS A 187 0.20 -6.38 27.92
N GLN A 188 -0.97 -6.89 28.24
CA GLN A 188 -1.29 -8.33 28.02
C GLN A 188 -1.22 -8.62 26.51
N ALA A 189 -1.86 -7.78 25.68
CA ALA A 189 -1.87 -7.97 24.22
C ALA A 189 -0.45 -7.89 23.63
N MET A 190 0.46 -7.15 24.28
CA MET A 190 1.86 -7.01 23.80
C MET A 190 2.72 -8.25 24.08
N LEU A 191 2.25 -9.18 24.90
CA LEU A 191 3.04 -10.38 25.30
C LEU A 191 3.52 -11.09 24.03
N THR A 192 4.83 -11.32 23.94
CA THR A 192 5.46 -11.90 22.73
C THR A 192 6.21 -13.17 23.11
N GLU A 193 6.99 -13.12 24.18
CA GLU A 193 7.86 -14.24 24.57
C GLU A 193 8.02 -14.25 26.08
N ALA A 194 8.01 -15.45 26.68
CA ALA A 194 8.28 -15.58 28.13
C ALA A 194 8.87 -16.95 28.40
N ASN A 195 9.83 -16.95 29.34
CA ASN A 195 10.44 -18.19 29.87
C ASN A 195 10.89 -17.89 31.30
N GLY A 196 11.67 -18.79 31.91
CA GLY A 196 12.20 -18.62 33.28
C GLY A 196 13.27 -17.54 33.38
N ASP A 197 13.75 -16.96 32.29
CA ASP A 197 14.82 -15.91 32.29
C ASP A 197 14.25 -14.51 32.02
N TYR A 198 13.25 -14.35 31.15
CA TYR A 198 12.76 -13.00 30.79
C TYR A 198 11.33 -13.10 30.25
N ILE A 199 10.69 -11.93 30.22
CA ILE A 199 9.40 -11.69 29.53
C ILE A 199 9.62 -10.54 28.55
N ILE A 200 9.20 -10.72 27.30
CA ILE A 200 9.20 -9.65 26.27
C ILE A 200 7.76 -9.27 25.95
N ARG A 201 7.46 -7.99 26.14
CA ARG A 201 6.23 -7.34 25.66
C ARG A 201 6.68 -6.37 24.57
N ALA A 202 6.17 -6.52 23.36
CA ALA A 202 6.67 -5.78 22.19
C ALA A 202 5.64 -5.76 21.06
N LYS A 203 5.94 -4.97 20.03
CA LYS A 203 5.12 -4.86 18.81
C LYS A 203 6.04 -4.59 17.62
N THR A 204 5.89 -5.36 16.58
CA THR A 204 6.56 -5.16 15.28
C THR A 204 5.82 -4.11 14.46
N GLY A 205 6.51 -3.56 13.48
CA GLY A 205 5.90 -2.72 12.43
C GLY A 205 6.77 -2.73 11.18
N TYR A 206 6.13 -2.58 10.03
CA TYR A 206 6.83 -2.52 8.72
C TYR A 206 6.24 -1.36 7.95
N SER A 207 7.00 -0.27 7.83
CA SER A 207 6.60 0.96 7.10
C SER A 207 7.05 0.83 5.65
N THR A 208 6.12 0.72 4.70
CA THR A 208 6.44 0.51 3.27
C THR A 208 5.91 1.63 2.35
N ARG A 209 5.02 2.51 2.79
CA ARG A 209 4.25 3.37 1.86
C ARG A 209 5.06 4.61 1.47
N ILE A 210 6.01 5.03 2.31
CA ILE A 210 6.94 6.18 2.13
C ILE A 210 8.38 5.72 2.43
N GLU A 211 9.37 6.24 1.72
CA GLU A 211 10.79 5.86 1.94
C GLU A 211 11.28 6.56 3.22
N PRO A 212 12.28 6.01 3.93
CA PRO A 212 12.84 4.69 3.63
C PRO A 212 11.95 3.60 4.25
N LYS A 213 11.85 2.47 3.57
CA LYS A 213 11.13 1.29 4.08
C LYS A 213 11.89 0.79 5.30
N ILE A 214 11.22 0.69 6.45
CA ILE A 214 11.89 0.25 7.70
C ILE A 214 11.03 -0.77 8.42
N GLY A 215 11.71 -1.66 9.15
CA GLY A 215 11.12 -2.54 10.15
C GLY A 215 11.37 -1.95 11.53
N TRP A 216 10.36 -2.03 12.40
CA TRP A 216 10.42 -1.67 13.82
C TRP A 216 10.31 -2.93 14.68
N TRP A 217 10.96 -2.92 15.83
CA TRP A 217 10.54 -3.72 17.01
C TRP A 217 10.69 -2.84 18.24
N VAL A 218 9.60 -2.60 18.96
CA VAL A 218 9.65 -1.75 20.18
C VAL A 218 8.95 -2.49 21.34
N GLY A 219 9.45 -2.28 22.55
CA GLY A 219 8.85 -2.87 23.76
C GLY A 219 9.80 -2.87 24.91
N TRP A 220 9.77 -3.94 25.68
CA TRP A 220 10.67 -4.09 26.83
C TRP A 220 10.86 -5.53 27.25
N VAL A 221 11.96 -5.73 27.97
CA VAL A 221 12.34 -7.03 28.59
C VAL A 221 12.17 -6.85 30.10
N GLU A 222 11.26 -7.62 30.68
CA GLU A 222 11.06 -7.71 32.15
C GLU A 222 11.98 -8.78 32.71
N LEU A 223 12.85 -8.39 33.64
CA LEU A 223 13.71 -9.31 34.42
C LEU A 223 13.14 -9.36 35.83
N ASP A 224 13.69 -10.22 36.69
CA ASP A 224 13.24 -10.31 38.11
C ASP A 224 13.33 -8.93 38.78
N ASP A 225 14.40 -8.15 38.53
CA ASP A 225 14.80 -6.97 39.35
C ASP A 225 15.03 -5.73 38.48
N ASN A 226 14.67 -5.76 37.20
CA ASN A 226 14.90 -4.61 36.28
C ASN A 226 14.00 -4.74 35.06
N VAL A 227 13.84 -3.64 34.35
CA VAL A 227 13.18 -3.59 33.02
C VAL A 227 14.14 -2.90 32.06
N TRP A 228 14.36 -3.51 30.91
CA TRP A 228 15.11 -2.93 29.77
C TRP A 228 14.11 -2.58 28.68
N PHE A 229 13.86 -1.30 28.45
CA PHE A 229 13.04 -0.84 27.29
C PHE A 229 13.92 -0.89 26.04
N PHE A 230 13.30 -1.20 24.90
CA PHE A 230 14.01 -1.19 23.62
C PHE A 230 13.13 -0.59 22.52
N ALA A 231 13.79 0.00 21.54
CA ALA A 231 13.19 0.45 20.30
C ALA A 231 14.25 0.36 19.21
N MET A 232 13.92 -0.38 18.17
CA MET A 232 14.85 -0.60 17.06
C MET A 232 14.11 -0.37 15.75
N ASN A 233 14.81 0.20 14.79
CA ASN A 233 14.35 0.20 13.38
C ASN A 233 15.54 -0.10 12.48
N MET A 234 15.26 -0.67 11.33
CA MET A 234 16.27 -1.10 10.35
C MET A 234 15.72 -0.92 8.94
N ASP A 235 16.62 -0.63 8.00
CA ASP A 235 16.25 -0.54 6.57
C ASP A 235 15.76 -1.93 6.15
N MET A 236 14.62 -1.98 5.48
CA MET A 236 13.88 -3.24 5.19
C MET A 236 13.31 -3.12 3.79
N PRO A 237 14.14 -3.29 2.75
CA PRO A 237 13.67 -3.12 1.36
C PRO A 237 12.53 -4.09 0.98
N THR A 238 12.56 -5.34 1.47
CA THR A 238 11.50 -6.38 1.25
C THR A 238 11.12 -7.00 2.60
N SER A 239 9.93 -7.60 2.70
CA SER A 239 9.43 -8.25 3.94
C SER A 239 10.16 -9.58 4.19
N ASP A 240 11.06 -10.00 3.29
CA ASP A 240 11.86 -11.26 3.40
C ASP A 240 12.59 -11.28 4.74
N GLY A 241 13.16 -10.14 5.15
CA GLY A 241 14.04 -10.04 6.33
C GLY A 241 13.35 -9.46 7.57
N LEU A 242 12.02 -9.51 7.68
CA LEU A 242 11.28 -8.94 8.84
C LEU A 242 11.81 -9.53 10.15
N GLY A 243 12.06 -10.85 10.18
CA GLY A 243 12.58 -11.62 11.33
C GLY A 243 13.93 -11.13 11.81
N LEU A 244 14.67 -10.37 11.00
CA LEU A 244 15.97 -9.77 11.37
C LEU A 244 15.79 -8.75 12.51
N ALA A 245 14.68 -8.02 12.57
CA ALA A 245 14.45 -7.00 13.62
C ALA A 245 14.63 -7.66 15.00
N GLN A 246 14.02 -8.84 15.17
CA GLN A 246 14.07 -9.59 16.44
C GLN A 246 15.46 -10.18 16.61
N ALA A 247 16.00 -10.79 15.57
CA ALA A 247 17.30 -11.49 15.65
C ALA A 247 18.38 -10.48 16.04
N ILE A 248 18.36 -9.29 15.43
CA ILE A 248 19.40 -8.28 15.70
C ILE A 248 19.20 -7.75 17.11
N THR A 249 17.98 -7.43 17.51
CA THR A 249 17.72 -6.95 18.89
C THR A 249 18.25 -7.99 19.90
N LYS A 250 18.01 -9.27 19.65
CA LYS A 250 18.39 -10.32 20.63
C LYS A 250 19.91 -10.45 20.70
N GLU A 251 20.60 -10.28 19.57
CA GLU A 251 22.08 -10.33 19.55
C GLU A 251 22.61 -9.20 20.44
N VAL A 252 21.99 -8.02 20.39
CA VAL A 252 22.40 -6.86 21.23
C VAL A 252 22.06 -7.18 22.68
N LEU A 253 20.84 -7.70 22.95
CA LEU A 253 20.46 -8.02 24.35
C LEU A 253 21.44 -9.05 24.91
N LYS A 254 21.85 -10.01 24.10
CA LYS A 254 22.79 -11.09 24.56
C LYS A 254 24.16 -10.48 24.83
N GLN A 255 24.68 -9.66 23.92
CA GLN A 255 26.00 -9.00 24.08
C GLN A 255 26.02 -8.22 25.40
N GLU A 256 24.94 -7.52 25.72
CA GLU A 256 24.83 -6.70 26.96
C GLU A 256 24.46 -7.57 28.17
N LYS A 257 24.30 -8.88 28.02
CA LYS A 257 24.02 -9.88 29.10
C LYS A 257 22.67 -9.61 29.75
N ILE A 258 21.73 -9.03 29.01
CA ILE A 258 20.37 -8.75 29.52
C ILE A 258 19.57 -10.05 29.49
N ILE A 259 19.77 -10.86 28.44
CA ILE A 259 19.16 -12.20 28.32
C ILE A 259 20.28 -13.16 27.98
N PRO A 260 20.13 -14.45 28.35
CA PRO A 260 21.02 -15.51 27.83
C PRO A 260 20.80 -15.73 26.32
N GLY B 17 -24.63 -10.45 -36.86
CA GLY B 17 -24.73 -9.18 -36.06
C GLY B 17 -24.83 -9.44 -34.56
N LYS B 18 -24.37 -10.61 -34.07
CA LYS B 18 -24.42 -11.02 -32.64
C LYS B 18 -23.67 -10.00 -31.77
N GLU B 19 -24.22 -9.64 -30.60
CA GLU B 19 -23.74 -8.48 -29.81
C GLU B 19 -22.42 -8.84 -29.10
N TRP B 20 -22.42 -9.92 -28.32
CA TRP B 20 -21.24 -10.38 -27.53
C TRP B 20 -20.84 -11.78 -27.98
N GLN B 21 -19.58 -11.97 -28.36
CA GLN B 21 -19.07 -13.30 -28.80
C GLN B 21 -17.84 -13.68 -27.98
N GLU B 22 -17.77 -14.93 -27.58
CA GLU B 22 -16.64 -15.47 -26.80
C GLU B 22 -15.66 -16.10 -27.76
N ASN B 23 -14.37 -15.81 -27.60
CA ASN B 23 -13.28 -16.38 -28.40
C ASN B 23 -12.21 -16.86 -27.43
N LYS B 24 -12.32 -18.13 -27.02
CA LYS B 24 -11.42 -18.73 -26.02
C LYS B 24 -10.02 -18.94 -26.60
N SER B 25 -9.83 -18.83 -27.92
CA SER B 25 -8.49 -19.00 -28.56
C SER B 25 -7.54 -17.94 -27.99
N TRP B 26 -8.03 -16.78 -27.55
CA TRP B 26 -7.15 -15.73 -26.96
C TRP B 26 -6.50 -16.26 -25.69
N ASN B 27 -7.09 -17.25 -25.02
CA ASN B 27 -6.51 -17.84 -23.79
C ASN B 27 -5.08 -18.29 -24.06
N ALA B 28 -4.75 -18.70 -25.28
CA ALA B 28 -3.39 -19.17 -25.66
C ALA B 28 -2.38 -18.04 -25.41
N HIS B 29 -2.76 -16.77 -25.59
CA HIS B 29 -1.84 -15.61 -25.34
C HIS B 29 -1.60 -15.46 -23.82
N PHE B 30 -2.60 -15.72 -22.99
CA PHE B 30 -2.42 -15.72 -21.51
C PHE B 30 -1.56 -16.93 -21.11
N THR B 31 -1.86 -18.12 -21.62
CA THR B 31 -1.18 -19.40 -21.28
C THR B 31 0.31 -19.30 -21.64
N GLU B 32 0.61 -18.75 -22.82
CA GLU B 32 1.97 -18.52 -23.35
C GLU B 32 2.79 -17.73 -22.32
N HIS B 33 2.17 -16.76 -21.65
CA HIS B 33 2.82 -15.86 -20.67
C HIS B 33 2.52 -16.34 -19.24
N LYS B 34 2.07 -17.60 -19.09
CA LYS B 34 1.84 -18.28 -17.79
C LYS B 34 0.87 -17.44 -16.94
N SER B 35 -0.16 -16.86 -17.53
CA SER B 35 -1.06 -15.89 -16.85
C SER B 35 -2.52 -16.26 -17.09
N GLN B 36 -3.44 -15.54 -16.46
CA GLN B 36 -4.90 -15.71 -16.66
C GLN B 36 -5.51 -14.31 -16.67
N GLY B 37 -6.52 -14.09 -17.50
CA GLY B 37 -7.22 -12.81 -17.48
C GLY B 37 -8.23 -12.74 -18.58
N VAL B 38 -8.65 -11.52 -18.87
CA VAL B 38 -9.71 -11.25 -19.86
C VAL B 38 -9.26 -10.05 -20.71
N VAL B 39 -9.52 -10.16 -22.00
CA VAL B 39 -9.49 -9.03 -22.96
C VAL B 39 -10.91 -8.86 -23.48
N VAL B 40 -11.40 -7.63 -23.42
CA VAL B 40 -12.68 -7.26 -24.05
C VAL B 40 -12.37 -6.26 -25.17
N LEU B 41 -12.88 -6.54 -26.37
CA LEU B 41 -12.84 -5.64 -27.54
C LEU B 41 -14.26 -5.22 -27.89
N TRP B 42 -14.38 -3.99 -28.36
CA TRP B 42 -15.65 -3.46 -28.91
C TRP B 42 -15.35 -2.78 -30.25
N ASN B 43 -15.90 -3.35 -31.31
CA ASN B 43 -15.85 -2.80 -32.68
C ASN B 43 -16.91 -1.69 -32.74
N GLU B 44 -16.49 -0.42 -32.82
CA GLU B 44 -17.43 0.71 -32.73
C GLU B 44 -18.34 0.72 -33.99
N ASN B 45 -17.79 0.47 -35.17
CA ASN B 45 -18.59 0.56 -36.41
C ASN B 45 -19.69 -0.51 -36.36
N LYS B 46 -19.34 -1.72 -35.96
CA LYS B 46 -20.25 -2.89 -36.01
C LYS B 46 -21.08 -2.99 -34.73
N GLN B 47 -20.75 -2.26 -33.66
CA GLN B 47 -21.46 -2.34 -32.37
C GLN B 47 -21.50 -3.82 -31.93
N GLN B 48 -20.33 -4.46 -31.97
CA GLN B 48 -20.12 -5.86 -31.56
C GLN B 48 -18.93 -5.95 -30.60
N GLY B 49 -19.11 -6.75 -29.55
CA GLY B 49 -18.12 -7.04 -28.50
C GLY B 49 -17.57 -8.45 -28.62
N PHE B 50 -16.30 -8.62 -28.25
CA PHE B 50 -15.55 -9.89 -28.31
C PHE B 50 -14.77 -10.03 -27.02
N THR B 51 -14.73 -11.24 -26.45
CA THR B 51 -13.94 -11.50 -25.23
C THR B 51 -13.58 -12.98 -25.16
N ASN B 52 -12.48 -13.29 -24.50
CA ASN B 52 -12.09 -14.70 -24.24
C ASN B 52 -12.83 -15.24 -23.01
N ASN B 53 -13.53 -14.41 -22.24
CA ASN B 53 -14.17 -14.87 -20.98
C ASN B 53 -15.34 -13.96 -20.64
N LEU B 54 -16.55 -14.34 -21.05
CA LEU B 54 -17.77 -13.52 -20.87
C LEU B 54 -17.98 -13.25 -19.38
N LYS B 55 -17.77 -14.25 -18.52
CA LYS B 55 -17.96 -14.05 -17.06
C LYS B 55 -16.96 -13.02 -16.52
N ARG B 56 -15.65 -13.22 -16.74
CA ARG B 56 -14.63 -12.29 -16.17
C ARG B 56 -14.76 -10.89 -16.80
N ALA B 57 -15.18 -10.79 -18.06
CA ALA B 57 -15.46 -9.50 -18.75
C ALA B 57 -16.42 -8.68 -17.89
N ASN B 58 -17.32 -9.33 -17.14
CA ASN B 58 -18.41 -8.68 -16.38
C ASN B 58 -18.15 -8.74 -14.87
N GLN B 59 -16.97 -9.17 -14.46
CA GLN B 59 -16.53 -9.15 -13.03
C GLN B 59 -15.89 -7.80 -12.71
N ALA B 60 -16.27 -7.20 -11.59
CA ALA B 60 -15.85 -5.83 -11.21
C ALA B 60 -14.66 -5.92 -10.26
N PHE B 61 -13.66 -5.06 -10.51
CA PHE B 61 -12.44 -4.97 -9.69
C PHE B 61 -12.20 -3.50 -9.31
N LEU B 62 -11.37 -3.26 -8.31
CA LEU B 62 -10.82 -1.92 -8.07
C LEU B 62 -10.18 -1.42 -9.37
N PRO B 63 -10.45 -0.16 -9.76
CA PRO B 63 -9.89 0.40 -10.99
C PRO B 63 -8.40 0.75 -10.89
N ALA B 64 -7.92 0.99 -9.66
CA ALA B 64 -6.56 1.51 -9.40
C ALA B 64 -6.30 2.67 -10.37
N SER B 65 -5.13 2.73 -11.02
CA SER B 65 -4.74 3.94 -11.79
C SER B 65 -5.60 4.13 -13.04
N THR B 66 -6.44 3.17 -13.47
CA THR B 66 -7.40 3.43 -14.58
C THR B 66 -8.36 4.54 -14.12
N PHE B 67 -8.48 4.73 -12.80
CA PHE B 67 -9.33 5.83 -12.24
C PHE B 67 -8.76 7.21 -12.59
N KCX B 68 -7.51 7.28 -13.03
CA KCX B 68 -6.95 8.59 -13.39
CB KCX B 68 -5.44 8.46 -13.63
CG KCX B 68 -4.64 8.27 -12.35
CD KCX B 68 -3.15 8.09 -12.52
CE KCX B 68 -2.41 8.06 -11.21
NZ KCX B 68 -2.63 6.84 -10.46
C KCX B 68 -7.70 9.19 -14.58
O KCX B 68 -7.70 10.40 -14.74
CX KCX B 68 -3.60 6.72 -9.47
OQ1 KCX B 68 -4.25 7.65 -9.02
OQ2 KCX B 68 -3.79 5.45 -9.06
H KCX B 68 -6.94 6.46 -13.09
HA KCX B 68 -7.07 9.19 -12.62
HB2 KCX B 68 -5.13 9.27 -14.08
HB3 KCX B 68 -5.27 7.69 -14.23
HG2 KCX B 68 -5.00 7.47 -11.88
HG3 KCX B 68 -4.80 9.04 -11.77
HD2 KCX B 68 -2.80 8.84 -13.07
HD3 KCX B 68 -2.97 7.26 -13.02
HE2 KCX B 68 -2.69 8.83 -10.66
HE3 KCX B 68 -1.46 8.15 -11.38
HZ KCX B 68 -2.14 6.14 -10.63
HQ2 KCX B 68 -3.25 4.92 -9.50
N ILE B 69 -8.40 8.37 -15.39
CA ILE B 69 -9.16 8.93 -16.49
C ILE B 69 -10.32 9.77 -15.93
N PRO B 70 -11.32 9.22 -15.19
CA PRO B 70 -12.38 10.06 -14.65
C PRO B 70 -11.86 11.15 -13.68
N ASN B 71 -10.84 10.84 -12.88
CA ASN B 71 -10.26 11.80 -11.92
C ASN B 71 -9.75 13.04 -12.69
N SER B 72 -9.00 12.84 -13.77
CA SER B 72 -8.51 13.94 -14.65
C SER B 72 -9.70 14.78 -15.14
N LEU B 73 -10.72 14.11 -15.68
CA LEU B 73 -11.89 14.79 -16.27
C LEU B 73 -12.51 15.71 -15.24
N ILE B 74 -12.71 15.20 -14.04
CA ILE B 74 -13.42 15.95 -12.95
C ILE B 74 -12.54 17.12 -12.52
N ALA B 75 -11.25 16.87 -12.32
CA ALA B 75 -10.27 17.90 -11.90
C ALA B 75 -10.24 19.04 -12.94
N LEU B 76 -10.26 18.72 -14.23
CA LEU B 76 -10.21 19.74 -15.31
C LEU B 76 -11.55 20.49 -15.31
N ASP B 77 -12.66 19.77 -15.21
CA ASP B 77 -14.00 20.39 -15.37
C ASP B 77 -14.26 21.36 -14.22
N LEU B 78 -13.76 21.05 -13.03
CA LEU B 78 -13.94 21.90 -11.82
C LEU B 78 -12.87 23.00 -11.70
N GLY B 79 -11.81 22.98 -12.51
CA GLY B 79 -10.75 24.01 -12.49
C GLY B 79 -9.68 23.72 -11.45
N VAL B 80 -9.69 22.52 -10.86
CA VAL B 80 -8.60 22.02 -9.98
C VAL B 80 -7.32 21.90 -10.82
N VAL B 81 -7.46 21.46 -12.07
CA VAL B 81 -6.37 21.50 -13.07
C VAL B 81 -6.77 22.53 -14.13
N LYS B 82 -5.96 23.54 -14.36
CA LYS B 82 -6.28 24.64 -15.31
C LYS B 82 -6.10 24.13 -16.73
N ASP B 83 -5.02 23.37 -16.97
CA ASP B 83 -4.72 22.81 -18.29
C ASP B 83 -3.62 21.76 -18.15
N GLU B 84 -3.22 21.19 -19.27
CA GLU B 84 -2.24 20.07 -19.34
C GLU B 84 -0.80 20.58 -19.08
N HIS B 85 -0.58 21.88 -18.90
CA HIS B 85 0.76 22.48 -18.65
C HIS B 85 0.97 22.82 -17.18
N GLN B 86 -0.12 23.00 -16.42
CA GLN B 86 -0.01 23.36 -14.99
C GLN B 86 0.93 22.36 -14.30
N VAL B 87 1.88 22.89 -13.53
CA VAL B 87 2.90 22.05 -12.82
C VAL B 87 2.37 21.73 -11.43
N PHE B 88 2.43 20.46 -11.06
CA PHE B 88 2.14 19.97 -9.68
C PHE B 88 3.48 19.63 -9.04
N LYS B 89 3.90 20.50 -8.12
CA LYS B 89 5.25 20.46 -7.50
C LYS B 89 5.34 19.18 -6.66
N TRP B 90 6.41 18.43 -6.83
CA TRP B 90 6.73 17.31 -5.90
C TRP B 90 6.64 17.82 -4.45
N ASP B 91 5.99 17.07 -3.55
CA ASP B 91 5.83 17.46 -2.12
C ASP B 91 7.15 17.23 -1.36
N GLY B 92 8.18 16.70 -2.03
CA GLY B 92 9.52 16.52 -1.46
C GLY B 92 9.59 15.30 -0.55
N GLN B 93 8.57 14.44 -0.57
CA GLN B 93 8.58 13.13 0.13
C GLN B 93 9.04 12.04 -0.83
N THR B 94 10.18 11.44 -0.54
CA THR B 94 10.81 10.42 -1.42
C THR B 94 9.91 9.18 -1.39
N ARG B 95 9.46 8.71 -2.55
CA ARG B 95 8.66 7.47 -2.68
C ARG B 95 9.49 6.49 -3.51
N ASP B 96 9.05 5.25 -3.65
CA ASP B 96 9.94 4.16 -4.19
C ASP B 96 9.88 4.13 -5.73
N ILE B 97 8.97 4.86 -6.35
CA ILE B 97 8.92 5.04 -7.84
C ILE B 97 9.68 6.34 -8.15
N ALA B 98 10.90 6.22 -8.68
CA ALA B 98 11.80 7.34 -9.00
C ALA B 98 11.05 8.43 -9.77
N THR B 99 10.28 8.07 -10.78
CA THR B 99 9.56 9.05 -11.65
C THR B 99 8.52 9.85 -10.85
N TRP B 100 8.14 9.43 -9.65
CA TRP B 100 7.17 10.19 -8.81
C TRP B 100 7.88 11.32 -8.06
N ASN B 101 9.20 11.24 -7.90
CA ASN B 101 9.98 12.19 -7.05
C ASN B 101 10.44 13.38 -7.90
N ARG B 102 9.49 14.08 -8.52
CA ARG B 102 9.76 15.21 -9.42
CA ARG B 102 9.76 15.21 -9.42
C ARG B 102 8.44 15.93 -9.70
N ASP B 103 8.52 17.11 -10.27
CA ASP B 103 7.35 17.91 -10.70
C ASP B 103 6.66 17.19 -11.86
N HIS B 104 5.36 17.36 -11.99
CA HIS B 104 4.55 16.70 -13.04
C HIS B 104 3.52 17.68 -13.57
N ASN B 105 3.10 17.47 -14.80
CA ASN B 105 1.87 18.09 -15.33
C ASN B 105 0.90 16.94 -15.59
N LEU B 106 -0.27 17.24 -16.16
CA LEU B 106 -1.30 16.19 -16.38
C LEU B 106 -0.75 15.08 -17.29
N ILE B 107 0.00 15.47 -18.32
CA ILE B 107 0.53 14.53 -19.33
C ILE B 107 1.48 13.54 -18.62
N THR B 108 2.45 14.05 -17.88
CA THR B 108 3.49 13.18 -17.25
C THR B 108 2.87 12.45 -16.04
N ALA B 109 1.93 13.06 -15.32
CA ALA B 109 1.28 12.43 -14.15
C ALA B 109 0.50 11.20 -14.63
N MET B 110 -0.16 11.28 -15.77
CA MET B 110 -0.87 10.13 -16.37
CA MET B 110 -0.86 10.13 -16.39
C MET B 110 0.17 9.09 -16.84
N LYS B 111 1.19 9.53 -17.58
CA LYS B 111 2.18 8.61 -18.20
C LYS B 111 2.83 7.74 -17.12
N TYR B 112 3.24 8.35 -16.00
CA TYR B 112 3.99 7.66 -14.93
C TYR B 112 3.06 7.23 -13.78
N SER B 113 1.75 7.41 -13.94
CA SER B 113 0.72 6.96 -12.97
C SER B 113 1.08 7.52 -11.59
N VAL B 114 1.19 8.84 -11.48
CA VAL B 114 1.75 9.50 -10.27
C VAL B 114 0.62 9.69 -9.26
N VAL B 115 0.45 8.70 -8.40
CA VAL B 115 -0.69 8.61 -7.44
C VAL B 115 -0.78 9.87 -6.58
N PRO B 116 0.32 10.35 -5.98
CA PRO B 116 0.26 11.51 -5.08
C PRO B 116 -0.39 12.75 -5.69
N VAL B 117 -0.15 13.00 -6.98
CA VAL B 117 -0.75 14.16 -7.71
C VAL B 117 -2.27 13.99 -7.77
N TYR B 118 -2.72 12.77 -8.08
CA TYR B 118 -4.17 12.47 -8.22
C TYR B 118 -4.82 12.40 -6.83
N GLN B 119 -4.08 12.01 -5.79
CA GLN B 119 -4.62 12.05 -4.41
C GLN B 119 -4.92 13.50 -4.06
N GLU B 120 -4.04 14.45 -4.45
CA GLU B 120 -4.25 15.89 -4.16
C GLU B 120 -5.46 16.39 -4.95
N PHE B 121 -5.60 16.01 -6.23
CA PHE B 121 -6.80 16.35 -7.03
C PHE B 121 -8.05 15.92 -6.28
N ALA B 122 -8.06 14.66 -5.84
CA ALA B 122 -9.24 14.03 -5.21
C ALA B 122 -9.61 14.80 -3.94
N ARG B 123 -8.63 15.20 -3.12
CA ARG B 123 -8.89 15.99 -1.88
C ARG B 123 -9.56 17.32 -2.25
N GLN B 124 -9.09 17.99 -3.30
CA GLN B 124 -9.65 19.29 -3.74
C GLN B 124 -11.04 19.09 -4.36
N ILE B 125 -11.24 17.99 -5.10
CA ILE B 125 -12.59 17.69 -5.64
C ILE B 125 -13.56 17.53 -4.47
N GLY B 126 -13.21 16.71 -3.50
CA GLY B 126 -14.05 16.39 -2.33
C GLY B 126 -15.13 15.34 -2.61
N GLU B 127 -15.61 14.70 -1.56
CA GLU B 127 -16.55 13.55 -1.61
C GLU B 127 -17.79 13.89 -2.44
N ALA B 128 -18.45 14.98 -2.12
CA ALA B 128 -19.78 15.30 -2.71
C ALA B 128 -19.65 15.40 -4.23
N ARG B 129 -18.68 16.16 -4.72
CA ARG B 129 -18.53 16.40 -6.18
C ARG B 129 -18.04 15.11 -6.85
N MET B 130 -17.15 14.36 -6.19
CA MET B 130 -16.60 13.10 -6.75
C MET B 130 -17.75 12.11 -6.97
N SER B 131 -18.56 11.88 -5.94
CA SER B 131 -19.79 11.04 -5.97
C SER B 131 -20.74 11.50 -7.10
N LYS B 132 -21.08 12.77 -7.17
CA LYS B 132 -22.02 13.28 -8.20
C LYS B 132 -21.47 13.00 -9.61
N MET B 133 -20.19 13.29 -9.82
CA MET B 133 -19.55 13.11 -11.16
C MET B 133 -19.59 11.64 -11.55
N LEU B 134 -19.23 10.71 -10.66
CA LEU B 134 -19.16 9.27 -11.02
C LEU B 134 -20.57 8.78 -11.35
N HIS B 135 -21.60 9.26 -10.64
CA HIS B 135 -23.00 8.91 -10.97
C HIS B 135 -23.32 9.42 -12.39
N ALA B 136 -23.02 10.67 -12.71
CA ALA B 136 -23.25 11.27 -14.05
C ALA B 136 -22.49 10.49 -15.11
N PHE B 137 -21.29 9.99 -14.78
CA PHE B 137 -20.45 9.20 -15.73
C PHE B 137 -20.97 7.76 -15.87
N ASP B 138 -21.88 7.32 -14.99
CA ASP B 138 -22.35 5.91 -14.87
C ASP B 138 -21.12 5.02 -14.67
N TYR B 139 -20.14 5.48 -13.89
CA TYR B 139 -18.81 4.83 -13.76
C TYR B 139 -18.87 3.69 -12.73
N GLY B 140 -18.77 2.46 -13.22
CA GLY B 140 -18.69 1.28 -12.35
C GLY B 140 -19.83 1.23 -11.37
N ASN B 141 -19.55 0.91 -10.11
CA ASN B 141 -20.63 0.83 -9.08
C ASN B 141 -20.87 2.22 -8.48
N GLU B 142 -20.15 3.25 -8.95
CA GLU B 142 -20.36 4.67 -8.56
C GLU B 142 -20.17 4.84 -7.04
N ASP B 143 -19.48 3.91 -6.37
CA ASP B 143 -19.36 3.89 -4.89
C ASP B 143 -17.98 4.41 -4.51
N ILE B 144 -17.93 5.56 -3.85
CA ILE B 144 -16.65 6.21 -3.42
C ILE B 144 -16.38 5.93 -1.94
N SER B 145 -17.07 4.97 -1.32
CA SER B 145 -16.93 4.69 0.13
C SER B 145 -15.46 4.45 0.46
N GLY B 146 -15.00 5.03 1.57
CA GLY B 146 -13.60 5.01 2.00
C GLY B 146 -13.03 6.40 1.93
N ASN B 147 -11.71 6.51 1.76
CA ASN B 147 -11.06 7.84 1.80
C ASN B 147 -11.16 8.46 0.42
N VAL B 148 -11.56 9.72 0.35
CA VAL B 148 -11.73 10.44 -0.94
C VAL B 148 -10.43 10.41 -1.72
N ASP B 149 -9.27 10.28 -1.08
CA ASP B 149 -7.97 10.27 -1.78
C ASP B 149 -7.43 8.86 -1.98
N SER B 150 -8.17 7.77 -1.70
CA SER B 150 -7.63 6.40 -1.87
CA SER B 150 -7.62 6.41 -1.85
C SER B 150 -8.71 5.39 -2.22
N PHE B 151 -9.95 5.81 -2.44
CA PHE B 151 -11.08 4.85 -2.60
C PHE B 151 -10.87 3.97 -3.85
N TRP B 152 -10.16 4.47 -4.87
CA TRP B 152 -9.90 3.71 -6.13
C TRP B 152 -8.77 2.70 -5.92
N LEU B 153 -8.11 2.76 -4.77
CA LEU B 153 -7.03 1.80 -4.40
C LEU B 153 -7.51 0.81 -3.34
N ASP B 154 -8.33 1.24 -2.37
CA ASP B 154 -8.75 0.33 -1.26
C ASP B 154 -10.11 0.73 -0.66
N GLY B 155 -10.93 1.49 -1.38
CA GLY B 155 -12.32 1.74 -0.99
C GLY B 155 -13.28 0.86 -1.76
N GLY B 156 -14.48 1.38 -1.97
CA GLY B 156 -15.66 0.63 -2.39
C GLY B 156 -15.85 0.60 -3.88
N ILE B 157 -15.14 1.43 -4.65
CA ILE B 157 -15.41 1.56 -6.12
C ILE B 157 -14.97 0.26 -6.80
N ARG B 158 -15.82 -0.23 -7.70
CA ARG B 158 -15.52 -1.41 -8.52
C ARG B 158 -16.02 -1.15 -9.93
N ILE B 159 -15.32 -1.69 -10.92
CA ILE B 159 -15.68 -1.58 -12.34
C ILE B 159 -15.21 -2.85 -13.08
N SER B 160 -16.05 -3.35 -13.98
CA SER B 160 -15.75 -4.49 -14.87
C SER B 160 -15.12 -3.97 -16.17
N ALA B 161 -14.49 -4.85 -16.93
CA ALA B 161 -13.96 -4.53 -18.27
C ALA B 161 -15.08 -3.98 -19.17
N THR B 162 -16.29 -4.57 -19.15
CA THR B 162 -17.39 -4.07 -20.03
C THR B 162 -17.82 -2.66 -19.58
N GLU B 163 -17.80 -2.40 -18.28
CA GLU B 163 -18.17 -1.07 -17.74
C GLU B 163 -17.10 -0.05 -18.14
N GLN B 164 -15.82 -0.46 -18.21
CA GLN B 164 -14.71 0.43 -18.63
C GLN B 164 -15.02 0.86 -20.06
N ILE B 165 -15.41 -0.11 -20.91
CA ILE B 165 -15.68 0.17 -22.34
C ILE B 165 -16.86 1.15 -22.46
N SER B 166 -17.92 0.95 -21.69
CA SER B 166 -19.12 1.82 -21.74
C SER B 166 -18.70 3.28 -21.43
N PHE B 167 -17.90 3.47 -20.38
CA PHE B 167 -17.42 4.80 -19.97
C PHE B 167 -16.51 5.38 -21.05
N LEU B 168 -15.53 4.61 -21.55
CA LEU B 168 -14.57 5.07 -22.59
C LEU B 168 -15.32 5.48 -23.87
N ARG B 169 -16.40 4.77 -24.24
CA ARG B 169 -17.14 5.12 -25.48
C ARG B 169 -17.73 6.52 -25.30
N LYS B 170 -18.23 6.84 -24.12
CA LYS B 170 -18.82 8.19 -23.90
C LYS B 170 -17.70 9.25 -24.02
N LEU B 171 -16.55 8.99 -23.38
CA LEU B 171 -15.38 9.90 -23.44
C LEU B 171 -14.99 10.12 -24.92
N TYR B 172 -14.85 9.04 -25.69
CA TYR B 172 -14.43 9.10 -27.10
C TYR B 172 -15.35 10.04 -27.88
N HIS B 173 -16.67 9.95 -27.63
CA HIS B 173 -17.70 10.70 -28.38
C HIS B 173 -17.99 12.06 -27.74
N ASN B 174 -17.25 12.47 -26.71
CA ASN B 174 -17.47 13.73 -25.96
C ASN B 174 -18.89 13.77 -25.39
N LYS B 175 -19.41 12.60 -24.96
CA LYS B 175 -20.80 12.48 -24.49
C LYS B 175 -20.87 12.54 -22.97
N LEU B 176 -19.76 12.70 -22.24
CA LEU B 176 -19.86 12.95 -20.78
C LEU B 176 -20.37 14.39 -20.58
N HIS B 177 -20.93 14.70 -19.43
CA HIS B 177 -21.63 16.00 -19.18
C HIS B 177 -20.62 17.12 -18.90
N VAL B 178 -19.33 16.78 -18.76
CA VAL B 178 -18.23 17.74 -18.52
C VAL B 178 -17.95 18.42 -19.86
N SER B 179 -17.16 19.48 -19.87
CA SER B 179 -16.95 20.31 -21.08
C SER B 179 -16.29 19.44 -22.14
N GLU B 180 -16.53 19.78 -23.42
CA GLU B 180 -15.78 19.16 -24.54
C GLU B 180 -14.27 19.33 -24.29
N ARG B 181 -13.86 20.52 -23.86
CA ARG B 181 -12.43 20.83 -23.60
C ARG B 181 -11.84 19.83 -22.60
N SER B 182 -12.52 19.54 -21.49
CA SER B 182 -12.03 18.58 -20.47
C SER B 182 -11.81 17.22 -21.15
N GLN B 183 -12.75 16.82 -22.00
CA GLN B 183 -12.72 15.49 -22.65
C GLN B 183 -11.56 15.44 -23.66
N ARG B 184 -11.37 16.50 -24.45
CA ARG B 184 -10.23 16.58 -25.40
C ARG B 184 -8.90 16.55 -24.65
N ILE B 185 -8.78 17.28 -23.55
CA ILE B 185 -7.48 17.31 -22.82
C ILE B 185 -7.19 15.93 -22.25
N VAL B 186 -8.18 15.22 -21.68
CA VAL B 186 -7.91 13.89 -21.07
C VAL B 186 -7.53 12.93 -22.18
N LYS B 187 -8.19 13.02 -23.34
CA LYS B 187 -7.86 12.11 -24.48
C LYS B 187 -6.43 12.37 -24.95
N GLN B 188 -5.99 13.62 -24.93
CA GLN B 188 -4.58 13.98 -25.22
C GLN B 188 -3.68 13.31 -24.17
N ALA B 189 -4.01 13.46 -22.89
CA ALA B 189 -3.23 12.87 -21.78
C ALA B 189 -3.18 11.35 -21.88
N MET B 190 -4.19 10.71 -22.46
CA MET B 190 -4.24 9.23 -22.60
C MET B 190 -3.32 8.72 -23.71
N LEU B 191 -2.80 9.59 -24.57
CA LEU B 191 -1.98 9.18 -25.74
C LEU B 191 -0.82 8.30 -25.24
N THR B 192 -0.69 7.10 -25.80
CA THR B 192 0.29 6.09 -25.36
C THR B 192 1.20 5.73 -26.53
N GLU B 193 0.61 5.48 -27.69
CA GLU B 193 1.37 4.99 -28.85
C GLU B 193 0.71 5.48 -30.13
N ALA B 194 1.50 5.86 -31.12
CA ALA B 194 0.97 6.23 -32.45
C ALA B 194 2.03 5.96 -33.50
N ASN B 195 1.55 5.48 -34.65
CA ASN B 195 2.38 5.32 -35.87
C ASN B 195 1.47 5.49 -37.08
N GLY B 196 1.96 5.15 -38.28
CA GLY B 196 1.20 5.20 -39.55
C GLY B 196 0.04 4.20 -39.61
N ASP B 197 -0.06 3.23 -38.69
CA ASP B 197 -1.11 2.16 -38.70
C ASP B 197 -2.18 2.38 -37.64
N TYR B 198 -1.85 2.90 -36.46
CA TYR B 198 -2.86 3.03 -35.39
C TYR B 198 -2.43 4.11 -34.40
N ILE B 199 -3.42 4.56 -33.60
CA ILE B 199 -3.21 5.40 -32.40
C ILE B 199 -3.83 4.67 -31.21
N ILE B 200 -3.10 4.53 -30.11
CA ILE B 200 -3.61 3.97 -28.83
C ILE B 200 -3.65 5.08 -27.78
N ARG B 201 -4.86 5.31 -27.27
CA ARG B 201 -5.13 6.14 -26.09
C ARG B 201 -5.60 5.17 -25.02
N ALA B 202 -4.89 5.14 -23.89
CA ALA B 202 -5.09 4.08 -22.88
C ALA B 202 -4.52 4.52 -21.54
N LYS B 203 -4.79 3.71 -20.51
CA LYS B 203 -4.26 3.90 -19.15
C LYS B 203 -4.09 2.53 -18.50
N THR B 204 -2.93 2.31 -17.92
CA THR B 204 -2.60 1.14 -17.09
C THR B 204 -3.14 1.33 -15.68
N GLY B 205 -3.28 0.23 -14.97
CA GLY B 205 -3.57 0.23 -13.51
C GLY B 205 -3.06 -1.06 -12.90
N TYR B 206 -2.64 -0.99 -11.65
CA TYR B 206 -2.19 -2.19 -10.91
C TYR B 206 -2.84 -2.13 -9.52
N SER B 207 -3.83 -2.99 -9.30
CA SER B 207 -4.56 -3.10 -8.02
C SER B 207 -3.85 -4.12 -7.14
N THR B 208 -3.24 -3.68 -6.03
CA THR B 208 -2.50 -4.58 -5.10
C THR B 208 -3.09 -4.59 -3.68
N ARG B 209 -3.99 -3.68 -3.30
CA ARG B 209 -4.29 -3.46 -1.87
C ARG B 209 -5.30 -4.49 -1.34
N ILE B 210 -6.11 -5.10 -2.23
CA ILE B 210 -7.13 -6.15 -1.97
C ILE B 210 -7.00 -7.24 -3.04
N GLU B 211 -7.27 -8.50 -2.70
CA GLU B 211 -7.15 -9.63 -3.65
C GLU B 211 -8.34 -9.60 -4.60
N PRO B 212 -8.23 -10.10 -5.84
CA PRO B 212 -6.96 -10.60 -6.37
C PRO B 212 -6.14 -9.43 -6.94
N LYS B 213 -4.82 -9.53 -6.85
CA LYS B 213 -3.91 -8.53 -7.46
C LYS B 213 -4.07 -8.62 -8.98
N ILE B 214 -4.43 -7.52 -9.63
CA ILE B 214 -4.64 -7.52 -11.10
C ILE B 214 -3.97 -6.30 -11.73
N GLY B 215 -3.55 -6.49 -12.97
CA GLY B 215 -3.17 -5.41 -13.90
C GLY B 215 -4.32 -5.12 -14.84
N TRP B 216 -4.53 -3.83 -15.13
CA TRP B 216 -5.48 -3.32 -16.13
C TRP B 216 -4.73 -2.69 -17.30
N TRP B 217 -5.31 -2.77 -18.49
CA TRP B 217 -5.06 -1.81 -19.58
C TRP B 217 -6.38 -1.52 -20.27
N VAL B 218 -6.81 -0.27 -20.25
CA VAL B 218 -8.11 0.11 -20.87
C VAL B 218 -7.89 1.31 -21.79
N GLY B 219 -8.66 1.35 -22.88
CA GLY B 219 -8.60 2.49 -23.81
C GLY B 219 -9.18 2.13 -25.15
N TRP B 220 -8.55 2.61 -26.21
CA TRP B 220 -8.99 2.29 -27.57
C TRP B 220 -7.87 2.44 -28.59
N VAL B 221 -8.08 1.77 -29.71
CA VAL B 221 -7.22 1.83 -30.92
C VAL B 221 -8.00 2.59 -31.98
N GLU B 222 -7.50 3.76 -32.38
CA GLU B 222 -8.05 4.55 -33.50
C GLU B 222 -7.41 4.07 -34.80
N LEU B 223 -8.23 3.62 -35.73
CA LEU B 223 -7.80 3.29 -37.12
C LEU B 223 -8.30 4.41 -38.02
N ASP B 224 -7.93 4.39 -39.29
CA ASP B 224 -8.42 5.38 -40.28
C ASP B 224 -9.96 5.43 -40.26
N ASP B 225 -10.63 4.28 -40.22
CA ASP B 225 -12.09 4.15 -40.53
C ASP B 225 -12.85 3.40 -39.43
N ASN B 226 -12.23 3.16 -38.28
CA ASN B 226 -12.93 2.49 -37.16
C ASN B 226 -12.21 2.82 -35.86
N VAL B 227 -12.86 2.51 -34.75
CA VAL B 227 -12.29 2.57 -33.38
C VAL B 227 -12.58 1.22 -32.73
N TRP B 228 -11.55 0.61 -32.15
CA TRP B 228 -11.66 -0.61 -31.32
C TRP B 228 -11.40 -0.22 -29.88
N PHE B 229 -12.43 -0.23 -29.05
CA PHE B 229 -12.29 -0.03 -27.60
C PHE B 229 -11.79 -1.33 -27.00
N PHE B 230 -10.99 -1.22 -25.95
CA PHE B 230 -10.48 -2.44 -25.26
C PHE B 230 -10.46 -2.18 -23.74
N ALA B 231 -10.63 -3.26 -23.02
CA ALA B 231 -10.45 -3.29 -21.56
C ALA B 231 -9.98 -4.69 -21.21
N MET B 232 -8.85 -4.75 -20.53
CA MET B 232 -8.25 -6.05 -20.16
C MET B 232 -7.81 -5.96 -18.71
N ASN B 233 -7.92 -7.07 -18.01
CA ASN B 233 -7.28 -7.24 -16.70
C ASN B 233 -6.71 -8.66 -16.64
N MET B 234 -5.68 -8.82 -15.84
CA MET B 234 -4.94 -10.09 -15.71
C MET B 234 -4.44 -10.25 -14.28
N ASP B 235 -4.35 -11.50 -13.82
CA ASP B 235 -3.79 -11.81 -12.48
C ASP B 235 -2.32 -11.37 -12.53
N MET B 236 -1.90 -10.63 -11.51
CA MET B 236 -0.59 -9.93 -11.50
CA MET B 236 -0.59 -9.94 -11.50
C MET B 236 -0.02 -10.03 -10.10
N PRO B 237 0.55 -11.19 -9.72
CA PRO B 237 1.02 -11.39 -8.34
C PRO B 237 2.12 -10.40 -7.91
N THR B 238 3.04 -10.04 -8.83
CA THR B 238 4.12 -9.05 -8.62
C THR B 238 4.14 -8.06 -9.80
N SER B 239 4.72 -6.87 -9.62
CA SER B 239 4.82 -5.83 -10.68
C SER B 239 5.86 -6.22 -11.74
N ASP B 240 6.55 -7.36 -11.58
CA ASP B 240 7.56 -7.88 -12.54
C ASP B 240 6.97 -7.92 -13.94
N GLY B 241 5.74 -8.41 -14.08
CA GLY B 241 5.10 -8.70 -15.38
C GLY B 241 4.07 -7.65 -15.79
N LEU B 242 4.15 -6.41 -15.30
CA LEU B 242 3.18 -5.32 -15.67
C LEU B 242 3.10 -5.18 -17.21
N GLY B 243 4.26 -5.21 -17.90
CA GLY B 243 4.41 -5.09 -19.37
C GLY B 243 3.66 -6.17 -20.14
N LEU B 244 3.30 -7.27 -19.48
CA LEU B 244 2.50 -8.37 -20.09
C LEU B 244 1.12 -7.86 -20.50
N ALA B 245 0.50 -6.96 -19.75
CA ALA B 245 -0.87 -6.47 -20.03
C ALA B 245 -0.90 -5.95 -21.48
N GLN B 246 0.10 -5.15 -21.84
CA GLN B 246 0.18 -4.53 -23.19
C GLN B 246 0.54 -5.61 -24.21
N ALA B 247 1.52 -6.45 -23.91
CA ALA B 247 2.00 -7.49 -24.86
C ALA B 247 0.84 -8.44 -25.18
N ILE B 248 0.07 -8.85 -24.19
CA ILE B 248 -1.05 -9.80 -24.39
C ILE B 248 -2.13 -9.09 -25.19
N THR B 249 -2.51 -7.87 -24.84
CA THR B 249 -3.56 -7.12 -25.58
C THR B 249 -3.12 -7.03 -27.05
N LYS B 250 -1.84 -6.74 -27.31
CA LYS B 250 -1.36 -6.54 -28.72
C LYS B 250 -1.37 -7.87 -29.47
N GLU B 251 -1.09 -8.99 -28.81
CA GLU B 251 -1.19 -10.33 -29.45
C GLU B 251 -2.64 -10.56 -29.88
N VAL B 252 -3.62 -10.14 -29.06
CA VAL B 252 -5.06 -10.29 -29.41
C VAL B 252 -5.38 -9.33 -30.55
N LEU B 253 -4.93 -8.08 -30.46
CA LEU B 253 -5.19 -7.11 -31.55
C LEU B 253 -4.60 -7.64 -32.86
N LYS B 254 -3.41 -8.24 -32.83
CA LYS B 254 -2.77 -8.80 -34.04
C LYS B 254 -3.57 -9.98 -34.58
N GLN B 255 -3.97 -10.91 -33.71
CA GLN B 255 -4.76 -12.10 -34.11
C GLN B 255 -6.02 -11.65 -34.85
N GLU B 256 -6.68 -10.61 -34.34
CA GLU B 256 -7.95 -10.09 -34.91
C GLU B 256 -7.66 -9.14 -36.09
N LYS B 257 -6.40 -8.92 -36.48
CA LYS B 257 -5.97 -8.11 -37.65
C LYS B 257 -6.36 -6.65 -37.48
N ILE B 258 -6.45 -6.18 -36.24
CA ILE B 258 -6.76 -4.75 -35.94
C ILE B 258 -5.47 -3.95 -36.11
N ILE B 259 -4.33 -4.53 -35.72
CA ILE B 259 -3.00 -3.91 -35.93
C ILE B 259 -2.14 -4.97 -36.63
N PRO B 260 -1.16 -4.53 -37.45
CA PRO B 260 -0.30 -5.45 -38.20
C PRO B 260 0.66 -6.23 -37.29
N LYS C 18 23.96 32.41 -26.85
N LYS C 18 24.56 32.43 -29.90
CA LYS C 18 23.68 32.87 -28.26
CA LYS C 18 23.84 32.72 -28.62
C LYS C 18 22.32 32.33 -28.72
C LYS C 18 22.36 32.30 -28.80
N GLU C 19 21.54 33.15 -29.45
CA GLU C 19 20.13 32.84 -29.82
C GLU C 19 20.10 31.77 -30.91
N TRP C 20 20.88 31.97 -31.99
CA TRP C 20 21.02 31.01 -33.11
C TRP C 20 22.46 30.52 -33.18
N GLN C 21 22.66 29.20 -33.25
CA GLN C 21 24.00 28.59 -33.37
C GLN C 21 24.02 27.71 -34.62
N GLU C 22 25.08 27.83 -35.41
CA GLU C 22 25.27 27.02 -36.64
C GLU C 22 26.05 25.77 -36.27
N ASN C 23 25.59 24.60 -36.71
CA ASN C 23 26.25 23.31 -36.43
C ASN C 23 26.34 22.60 -37.78
N LYS C 24 27.45 22.80 -38.48
CA LYS C 24 27.65 22.23 -39.84
C LYS C 24 27.86 20.72 -39.77
N SER C 25 28.14 20.14 -38.61
CA SER C 25 28.34 18.69 -38.44
C SER C 25 27.07 17.94 -38.90
N TRP C 26 25.89 18.58 -38.81
CA TRP C 26 24.63 17.95 -39.29
C TRP C 26 24.71 17.66 -40.78
N ASN C 27 25.52 18.41 -41.52
CA ASN C 27 25.64 18.24 -42.98
C ASN C 27 26.01 16.78 -43.30
N ALA C 28 26.68 16.07 -42.39
CA ALA C 28 27.04 14.64 -42.59
C ALA C 28 25.77 13.81 -42.84
N HIS C 29 24.64 14.16 -42.21
CA HIS C 29 23.36 13.43 -42.36
C HIS C 29 22.79 13.70 -43.74
N PHE C 30 22.93 14.91 -44.26
CA PHE C 30 22.51 15.23 -45.65
C PHE C 30 23.44 14.50 -46.64
N THR C 31 24.76 14.58 -46.45
CA THR C 31 25.74 14.07 -47.44
C THR C 31 25.66 12.53 -47.48
N GLU C 32 25.46 11.87 -46.34
CA GLU C 32 25.32 10.39 -46.26
C GLU C 32 24.08 9.97 -47.08
N HIS C 33 23.04 10.79 -47.17
CA HIS C 33 21.83 10.51 -47.98
C HIS C 33 21.89 11.22 -49.34
N LYS C 34 23.07 11.69 -49.74
CA LYS C 34 23.31 12.34 -51.07
C LYS C 34 22.33 13.50 -51.28
N SER C 35 22.10 14.30 -50.24
CA SER C 35 21.07 15.38 -50.27
C SER C 35 21.70 16.69 -49.76
N GLN C 36 20.98 17.79 -49.93
CA GLN C 36 21.37 19.12 -49.39
CA GLN C 36 21.37 19.10 -49.37
C GLN C 36 20.11 19.76 -48.80
N GLY C 37 20.25 20.44 -47.69
CA GLY C 37 19.11 21.14 -47.10
C GLY C 37 19.43 21.74 -45.79
N VAL C 38 18.38 22.05 -45.03
CA VAL C 38 18.54 22.71 -43.71
C VAL C 38 17.59 22.01 -42.72
N VAL C 39 18.09 21.84 -41.50
CA VAL C 39 17.27 21.53 -40.31
C VAL C 39 17.39 22.72 -39.36
N VAL C 40 16.26 23.18 -38.90
CA VAL C 40 16.20 24.20 -37.83
C VAL C 40 15.54 23.55 -36.60
N LEU C 41 16.20 23.63 -35.45
CA LEU C 41 15.69 23.21 -34.14
C LEU C 41 15.51 24.43 -33.25
N TRP C 42 14.49 24.40 -32.41
CA TRP C 42 14.26 25.40 -31.35
C TRP C 42 13.98 24.68 -30.03
N ASN C 43 14.88 24.86 -29.07
CA ASN C 43 14.75 24.37 -27.68
C ASN C 43 13.83 25.33 -26.94
N GLU C 44 12.60 24.91 -26.63
CA GLU C 44 11.60 25.85 -26.06
C GLU C 44 12.04 26.29 -24.66
N ASN C 45 12.55 25.40 -23.83
CA ASN C 45 12.89 25.76 -22.44
C ASN C 45 14.02 26.80 -22.44
N LYS C 46 15.03 26.59 -23.28
CA LYS C 46 16.26 27.41 -23.29
C LYS C 46 16.09 28.62 -24.22
N GLN C 47 15.05 28.65 -25.06
CA GLN C 47 14.84 29.76 -26.05
C GLN C 47 16.13 29.92 -26.87
N GLN C 48 16.64 28.80 -27.40
CA GLN C 48 17.85 28.74 -28.25
C GLN C 48 17.53 27.94 -29.52
N GLY C 49 18.04 28.41 -30.65
CA GLY C 49 17.85 27.81 -31.99
C GLY C 49 19.17 27.24 -32.49
N PHE C 50 19.09 26.18 -33.28
CA PHE C 50 20.25 25.47 -33.85
C PHE C 50 19.93 25.18 -35.32
N THR C 51 20.91 25.33 -36.20
CA THR C 51 20.74 25.02 -37.63
C THR C 51 22.10 24.67 -38.24
N ASN C 52 22.09 23.87 -39.29
CA ASN C 52 23.32 23.58 -40.07
C ASN C 52 23.55 24.68 -41.12
N ASN C 53 22.61 25.59 -41.34
CA ASN C 53 22.74 26.61 -42.43
C ASN C 53 21.91 27.84 -42.08
N LEU C 54 22.56 28.84 -41.48
CA LEU C 54 21.86 30.06 -40.97
C LEU C 54 21.10 30.74 -42.12
N LYS C 55 21.72 30.86 -43.30
CA LYS C 55 21.04 31.58 -44.42
C LYS C 55 19.88 30.73 -44.97
N ARG C 56 20.06 29.43 -45.24
CA ARG C 56 18.92 28.61 -45.78
C ARG C 56 17.79 28.48 -44.73
N ALA C 57 18.11 28.54 -43.44
CA ALA C 57 17.10 28.57 -42.35
C ALA C 57 16.12 29.75 -42.59
N ASN C 58 16.54 30.82 -43.24
CA ASN C 58 15.73 32.05 -43.46
C ASN C 58 15.34 32.19 -44.93
N GLN C 59 15.60 31.18 -45.76
CA GLN C 59 15.19 31.18 -47.19
C GLN C 59 13.75 30.69 -47.30
N ALA C 60 12.91 31.45 -48.02
CA ALA C 60 11.46 31.23 -48.06
C ALA C 60 11.13 30.42 -49.31
N PHE C 61 10.31 29.39 -49.13
CA PHE C 61 9.85 28.50 -50.20
C PHE C 61 8.34 28.39 -50.16
N LEU C 62 7.76 27.86 -51.24
CA LEU C 62 6.36 27.41 -51.20
C LEU C 62 6.21 26.41 -50.05
N PRO C 63 5.17 26.58 -49.22
CA PRO C 63 4.94 25.68 -48.08
C PRO C 63 4.44 24.29 -48.49
N ALA C 64 3.85 24.19 -49.68
CA ALA C 64 3.17 22.98 -50.19
C ALA C 64 2.28 22.46 -49.05
N SER C 65 2.22 21.17 -48.82
CA SER C 65 1.22 20.56 -47.90
C SER C 65 1.51 20.95 -46.44
N THR C 66 2.62 21.61 -46.08
CA THR C 66 2.77 22.16 -44.70
C THR C 66 1.67 23.20 -44.51
N PHE C 67 1.15 23.76 -45.60
CA PHE C 67 0.04 24.75 -45.53
C PHE C 67 -1.25 24.12 -44.99
N KCX C 68 -1.34 22.79 -44.96
CA KCX C 68 -2.52 22.15 -44.40
CB KCX C 68 -2.49 20.63 -44.68
CG KCX C 68 -2.76 20.26 -46.13
CD KCX C 68 -2.69 18.77 -46.46
CE KCX C 68 -3.14 18.46 -47.89
NZ KCX C 68 -2.14 18.89 -48.89
C KCX C 68 -2.70 22.50 -42.92
O KCX C 68 -3.82 22.48 -42.41
CX KCX C 68 -2.23 20.09 -49.55
OQ1 KCX C 68 -3.14 20.86 -49.45
OQ2 KCX C 68 -1.16 20.35 -50.28
H KCX C 68 -0.60 22.21 -45.33
HA KCX C 68 -3.30 22.51 -44.88
HB2 KCX C 68 -3.16 20.19 -44.11
HB3 KCX C 68 -1.61 20.29 -44.43
HG2 KCX C 68 -2.11 20.74 -46.70
HG3 KCX C 68 -3.66 20.60 -46.37
HD2 KCX C 68 -3.27 18.28 -45.83
HD3 KCX C 68 -1.77 18.46 -46.34
HE2 KCX C 68 -3.99 18.91 -48.07
HE3 KCX C 68 -3.28 17.49 -47.98
HZ KCX C 68 -1.48 18.35 -49.07
HQ2 KCX C 68 -0.57 19.69 -50.21
N ILE C 69 -1.62 22.88 -42.22
CA ILE C 69 -1.76 23.28 -40.83
C ILE C 69 -2.60 24.57 -40.75
N PRO C 70 -2.19 25.74 -41.30
CA PRO C 70 -3.04 26.93 -41.20
C PRO C 70 -4.39 26.76 -41.91
N ASN C 71 -4.42 26.06 -43.03
CA ASN C 71 -5.68 25.80 -43.79
C ASN C 71 -6.69 25.11 -42.85
N SER C 72 -6.28 24.06 -42.15
CA SER C 72 -7.13 23.32 -41.18
C SER C 72 -7.64 24.30 -40.12
N LEU C 73 -6.75 25.10 -39.54
CA LEU C 73 -7.09 26.02 -38.44
C LEU C 73 -8.21 26.94 -38.91
N ILE C 74 -8.04 27.51 -40.09
CA ILE C 74 -8.98 28.54 -40.61
C ILE C 74 -10.32 27.85 -40.91
N ALA C 75 -10.28 26.68 -41.55
CA ALA C 75 -11.49 25.92 -41.89
C ALA C 75 -12.27 25.59 -40.62
N LEU C 76 -11.58 25.17 -39.54
CA LEU C 76 -12.25 24.82 -38.27
C LEU C 76 -12.81 26.09 -37.63
N ASP C 77 -12.03 27.16 -37.61
CA ASP C 77 -12.42 28.39 -36.87
C ASP C 77 -13.65 29.02 -37.54
N LEU C 78 -13.76 28.94 -38.86
CA LEU C 78 -14.88 29.53 -39.64
C LEU C 78 -16.09 28.57 -39.74
N GLY C 79 -15.96 27.31 -39.32
CA GLY C 79 -17.07 26.34 -39.33
C GLY C 79 -17.20 25.61 -40.65
N VAL C 80 -16.24 25.78 -41.55
CA VAL C 80 -16.15 25.00 -42.82
C VAL C 80 -15.91 23.53 -42.47
N VAL C 81 -15.11 23.26 -41.45
CA VAL C 81 -14.98 21.92 -40.82
C VAL C 81 -15.62 22.01 -39.44
N LYS C 82 -16.63 21.18 -39.16
CA LYS C 82 -17.37 21.25 -37.87
C LYS C 82 -16.51 20.59 -36.80
N ASP C 83 -15.87 19.47 -37.14
CA ASP C 83 -15.01 18.71 -36.20
C ASP C 83 -14.20 17.69 -36.99
N GLU C 84 -13.37 16.94 -36.26
CA GLU C 84 -12.41 15.98 -36.86
C GLU C 84 -13.14 14.72 -37.35
N HIS C 85 -14.46 14.60 -37.16
CA HIS C 85 -15.26 13.42 -37.60
C HIS C 85 -16.02 13.70 -38.90
N GLN C 86 -16.30 14.97 -39.20
CA GLN C 86 -17.05 15.35 -40.42
C GLN C 86 -16.40 14.65 -41.63
N VAL C 87 -17.23 14.03 -42.46
CA VAL C 87 -16.79 13.28 -43.67
C VAL C 87 -16.80 14.25 -44.87
N PHE C 88 -15.71 14.28 -45.61
CA PHE C 88 -15.57 14.99 -46.91
C PHE C 88 -15.57 13.92 -47.99
N LYS C 89 -16.69 13.87 -48.69
CA LYS C 89 -17.00 12.82 -49.68
C LYS C 89 -16.02 12.95 -50.83
N TRP C 90 -15.40 11.85 -51.24
CA TRP C 90 -14.64 11.79 -52.52
C TRP C 90 -15.53 12.33 -53.64
N ASP C 91 -15.01 13.20 -54.51
CA ASP C 91 -15.76 13.78 -55.65
C ASP C 91 -15.89 12.75 -56.78
N GLY C 92 -15.31 11.56 -56.63
CA GLY C 92 -15.42 10.46 -57.59
C GLY C 92 -14.52 10.64 -58.79
N GLN C 93 -13.58 11.60 -58.74
CA GLN C 93 -12.52 11.78 -59.76
C GLN C 93 -11.27 11.00 -59.35
N THR C 94 -10.89 9.99 -60.11
CA THR C 94 -9.73 9.13 -59.83
C THR C 94 -8.47 9.98 -60.00
N ARG C 95 -7.64 10.05 -58.96
CA ARG C 95 -6.34 10.75 -58.98
C ARG C 95 -5.26 9.70 -58.80
N ASP C 96 -3.98 10.07 -58.96
CA ASP C 96 -2.85 9.09 -59.03
C ASP C 96 -2.47 8.55 -57.65
N ILE C 97 -2.84 9.24 -56.56
CA ILE C 97 -2.59 8.77 -55.17
C ILE C 97 -3.84 8.02 -54.69
N ALA C 98 -3.72 6.69 -54.62
CA ALA C 98 -4.81 5.75 -54.27
C ALA C 98 -5.55 6.24 -53.02
N THR C 99 -4.83 6.62 -51.97
CA THR C 99 -5.43 7.02 -50.66
C THR C 99 -6.34 8.24 -50.81
N TRP C 100 -6.20 9.02 -51.90
CA TRP C 100 -7.03 10.23 -52.13
C TRP C 100 -8.41 9.84 -52.67
N ASN C 101 -8.54 8.65 -53.26
CA ASN C 101 -9.78 8.21 -53.96
C ASN C 101 -10.74 7.54 -52.98
N ARG C 102 -11.13 8.25 -51.92
CA ARG C 102 -12.05 7.73 -50.87
C ARG C 102 -12.50 8.91 -50.02
N ASP C 103 -13.49 8.68 -49.16
CA ASP C 103 -13.99 9.68 -48.19
C ASP C 103 -12.88 9.92 -47.15
N HIS C 104 -12.85 11.11 -46.60
CA HIS C 104 -11.83 11.52 -45.60
C HIS C 104 -12.48 12.35 -44.52
N ASN C 105 -11.86 12.35 -43.34
CA ASN C 105 -12.17 13.37 -42.30
C ASN C 105 -10.88 14.16 -42.13
N LEU C 106 -10.84 15.10 -41.19
CA LEU C 106 -9.65 15.98 -41.00
C LEU C 106 -8.42 15.13 -40.67
N ILE C 107 -8.59 14.08 -39.87
CA ILE C 107 -7.47 13.24 -39.39
C ILE C 107 -6.85 12.54 -40.60
N THR C 108 -7.66 11.86 -41.41
CA THR C 108 -7.15 11.06 -42.54
C THR C 108 -6.72 12.00 -43.67
N ALA C 109 -7.39 13.14 -43.86
CA ALA C 109 -7.00 14.11 -44.92
C ALA C 109 -5.60 14.67 -44.63
N MET C 110 -5.29 14.95 -43.36
CA MET C 110 -3.94 15.41 -42.97
C MET C 110 -2.94 14.26 -43.14
N LYS C 111 -3.28 13.08 -42.63
CA LYS C 111 -2.38 11.90 -42.61
C LYS C 111 -1.92 11.59 -44.03
N TYR C 112 -2.84 11.58 -45.00
CA TYR C 112 -2.52 11.17 -46.40
C TYR C 112 -2.35 12.40 -47.30
N SER C 113 -2.33 13.61 -46.71
CA SER C 113 -2.05 14.87 -47.44
C SER C 113 -3.00 14.98 -48.65
N VAL C 114 -4.30 14.94 -48.37
CA VAL C 114 -5.33 14.80 -49.44
C VAL C 114 -5.67 16.18 -49.98
N VAL C 115 -4.95 16.59 -51.02
CA VAL C 115 -5.01 17.98 -51.60
C VAL C 115 -6.46 18.33 -51.95
N PRO C 116 -7.23 17.46 -52.67
CA PRO C 116 -8.58 17.81 -53.09
C PRO C 116 -9.51 18.27 -51.96
N VAL C 117 -9.40 17.67 -50.78
CA VAL C 117 -10.22 18.03 -49.59
C VAL C 117 -9.85 19.45 -49.14
N TYR C 118 -8.55 19.75 -49.11
CA TYR C 118 -8.04 21.08 -48.70
C TYR C 118 -8.34 22.13 -49.77
N GLN C 119 -8.36 21.73 -51.04
CA GLN C 119 -8.75 22.67 -52.13
C GLN C 119 -10.20 23.08 -51.90
N GLU C 120 -11.07 22.15 -51.50
CA GLU C 120 -12.50 22.45 -51.24
C GLU C 120 -12.60 23.39 -50.02
N PHE C 121 -11.85 23.13 -48.95
CA PHE C 121 -11.80 24.03 -47.77
C PHE C 121 -11.45 25.45 -48.23
N ALA C 122 -10.38 25.56 -49.01
CA ALA C 122 -9.83 26.86 -49.47
C ALA C 122 -10.92 27.61 -50.25
N ARG C 123 -11.65 26.92 -51.13
CA ARG C 123 -12.73 27.57 -51.95
C ARG C 123 -13.81 28.09 -51.03
N GLN C 124 -14.18 27.35 -49.98
CA GLN C 124 -15.25 27.79 -49.05
C GLN C 124 -14.74 28.90 -48.15
N ILE C 125 -13.47 28.84 -47.76
CA ILE C 125 -12.87 29.95 -46.96
C ILE C 125 -12.96 31.23 -47.81
N GLY C 126 -12.52 31.16 -49.07
CA GLY C 126 -12.50 32.31 -49.99
C GLY C 126 -11.25 33.16 -49.81
N GLU C 127 -10.89 33.92 -50.83
CA GLU C 127 -9.64 34.72 -50.86
C GLU C 127 -9.66 35.75 -49.72
N ALA C 128 -10.75 36.47 -49.50
CA ALA C 128 -10.78 37.58 -48.52
C ALA C 128 -10.45 37.02 -47.12
N ARG C 129 -11.13 35.96 -46.69
CA ARG C 129 -10.93 35.44 -45.31
C ARG C 129 -9.57 34.75 -45.22
N MET C 130 -9.12 34.07 -46.28
CA MET C 130 -7.81 33.38 -46.30
C MET C 130 -6.71 34.41 -46.05
N SER C 131 -6.71 35.47 -46.85
CA SER C 131 -5.80 36.64 -46.73
C SER C 131 -5.83 37.23 -45.32
N LYS C 132 -7.00 37.56 -44.80
CA LYS C 132 -7.13 38.18 -43.44
C LYS C 132 -6.51 37.24 -42.38
N MET C 133 -6.82 35.94 -42.45
CA MET C 133 -6.33 34.95 -41.45
C MET C 133 -4.79 34.84 -41.52
N LEU C 134 -4.20 34.78 -42.71
CA LEU C 134 -2.74 34.61 -42.83
C LEU C 134 -2.05 35.87 -42.30
N HIS C 135 -2.66 37.04 -42.49
CA HIS C 135 -2.14 38.30 -41.92
C HIS C 135 -2.19 38.19 -40.39
N ALA C 136 -3.32 37.78 -39.81
CA ALA C 136 -3.48 37.58 -38.35
C ALA C 136 -2.44 36.57 -37.84
N PHE C 137 -2.14 35.53 -38.60
CA PHE C 137 -1.15 34.50 -38.24
C PHE C 137 0.29 34.97 -38.43
N ASP C 138 0.51 36.13 -39.08
CA ASP C 138 1.85 36.64 -39.48
C ASP C 138 2.57 35.54 -40.29
N TYR C 139 1.85 34.85 -41.17
CA TYR C 139 2.31 33.60 -41.83
C TYR C 139 3.14 33.93 -43.06
N GLY C 140 4.44 33.66 -43.00
CA GLY C 140 5.33 33.81 -44.16
C GLY C 140 5.22 35.20 -44.80
N ASN C 141 5.12 35.28 -46.13
CA ASN C 141 4.99 36.59 -46.82
C ASN C 141 3.52 36.99 -46.90
N GLU C 142 2.60 36.18 -46.35
CA GLU C 142 1.15 36.51 -46.28
C GLU C 142 0.53 36.73 -47.68
N ASP C 143 1.18 36.25 -48.75
CA ASP C 143 0.75 36.54 -50.15
C ASP C 143 0.03 35.30 -50.71
N ILE C 144 -1.27 35.42 -50.96
CA ILE C 144 -2.13 34.31 -51.48
C ILE C 144 -2.32 34.45 -53.00
N SER C 145 -1.53 35.26 -53.69
CA SER C 145 -1.71 35.51 -55.14
CA SER C 145 -1.67 35.51 -55.15
C SER C 145 -1.67 34.17 -55.90
N GLY C 146 -2.59 34.01 -56.85
CA GLY C 146 -2.74 32.79 -57.64
C GLY C 146 -4.13 32.22 -57.43
N ASN C 147 -4.32 30.93 -57.66
CA ASN C 147 -5.63 30.28 -57.43
C ASN C 147 -5.87 30.13 -55.90
N VAL C 148 -7.05 30.51 -55.43
CA VAL C 148 -7.45 30.42 -54.01
C VAL C 148 -7.26 28.97 -53.54
N ASP C 149 -7.37 28.00 -54.45
CA ASP C 149 -7.35 26.56 -54.13
C ASP C 149 -6.01 25.95 -54.55
N SER C 150 -4.97 26.72 -54.90
CA SER C 150 -3.64 26.10 -55.21
C SER C 150 -2.44 27.01 -54.88
N PHE C 151 -2.65 28.17 -54.26
CA PHE C 151 -1.58 29.18 -54.12
C PHE C 151 -0.42 28.65 -53.28
N TRP C 152 -0.67 27.69 -52.38
CA TRP C 152 0.36 27.08 -51.50
C TRP C 152 1.18 26.05 -52.28
N LEU C 153 0.74 25.71 -53.49
CA LEU C 153 1.45 24.74 -54.36
C LEU C 153 2.16 25.46 -55.51
N ASP C 154 1.55 26.51 -56.06
CA ASP C 154 2.09 27.15 -57.29
C ASP C 154 1.77 28.65 -57.34
N GLY C 155 1.36 29.27 -56.24
CA GLY C 155 1.09 30.71 -56.18
C GLY C 155 2.23 31.47 -55.48
N GLY C 156 1.87 32.58 -54.82
CA GLY C 156 2.81 33.61 -54.36
C GLY C 156 3.31 33.37 -52.95
N ILE C 157 2.68 32.48 -52.16
CA ILE C 157 2.97 32.36 -50.71
C ILE C 157 4.37 31.78 -50.54
N ARG C 158 5.15 32.34 -49.64
CA ARG C 158 6.51 31.83 -49.30
C ARG C 158 6.70 31.90 -47.79
N ILE C 159 7.38 30.89 -47.26
CA ILE C 159 7.70 30.79 -45.81
C ILE C 159 9.06 30.10 -45.66
N SER C 160 9.87 30.59 -44.73
CA SER C 160 11.18 30.02 -44.36
C SER C 160 11.01 29.01 -43.22
N ALA C 161 12.00 28.18 -42.98
CA ALA C 161 12.03 27.27 -41.81
C ALA C 161 11.86 28.05 -40.51
N THR C 162 12.52 29.21 -40.33
CA THR C 162 12.43 29.99 -39.07
C THR C 162 11.00 30.54 -38.93
N GLU C 163 10.38 30.92 -40.04
CA GLU C 163 8.97 31.42 -40.02
C GLU C 163 8.02 30.27 -39.66
N GLN C 164 8.31 29.04 -40.10
CA GLN C 164 7.50 27.84 -39.77
C GLN C 164 7.57 27.65 -38.24
N ILE C 165 8.76 27.79 -37.66
CA ILE C 165 8.97 27.59 -36.20
C ILE C 165 8.18 28.66 -35.43
N SER C 166 8.23 29.91 -35.87
CA SER C 166 7.52 31.03 -35.19
C SER C 166 6.03 30.72 -35.18
N PHE C 167 5.48 30.30 -36.31
CA PHE C 167 4.03 29.94 -36.45
C PHE C 167 3.69 28.73 -35.55
N LEU C 168 4.50 27.67 -35.60
CA LEU C 168 4.27 26.43 -34.82
C LEU C 168 4.30 26.75 -33.32
N ARG C 169 5.17 27.66 -32.87
CA ARG C 169 5.29 27.97 -31.43
C ARG C 169 3.96 28.60 -31.00
N LYS C 170 3.39 29.47 -31.81
CA LYS C 170 2.08 30.09 -31.46
C LYS C 170 1.01 29.00 -31.37
N LEU C 171 0.96 28.09 -32.35
CA LEU C 171 -0.02 26.99 -32.36
C LEU C 171 0.15 26.17 -31.07
N TYR C 172 1.39 25.78 -30.75
CA TYR C 172 1.67 24.97 -29.54
C TYR C 172 1.08 25.63 -28.30
N HIS C 173 1.22 26.94 -28.17
CA HIS C 173 0.83 27.73 -26.97
C HIS C 173 -0.62 28.21 -27.07
N ASN C 174 -1.37 27.81 -28.10
CA ASN C 174 -2.75 28.26 -28.37
C ASN C 174 -2.79 29.79 -28.50
N LYS C 175 -1.76 30.39 -29.06
CA LYS C 175 -1.63 31.86 -29.15
C LYS C 175 -2.06 32.36 -30.53
N LEU C 176 -2.47 31.51 -31.48
CA LEU C 176 -3.02 32.03 -32.77
C LEU C 176 -4.39 32.66 -32.50
N HIS C 177 -4.80 33.63 -33.32
CA HIS C 177 -6.12 34.33 -33.15
CA HIS C 177 -6.08 34.37 -33.22
C HIS C 177 -7.20 33.49 -33.83
N VAL C 178 -7.37 32.28 -33.33
CA VAL C 178 -8.49 31.35 -33.61
C VAL C 178 -8.80 30.69 -32.27
N SER C 179 -9.90 29.95 -32.16
CA SER C 179 -10.36 29.39 -30.88
C SER C 179 -9.30 28.42 -30.36
N GLU C 180 -9.22 28.25 -29.03
CA GLU C 180 -8.42 27.17 -28.42
C GLU C 180 -8.80 25.82 -29.05
N ARG C 181 -10.10 25.58 -29.20
CA ARG C 181 -10.65 24.31 -29.75
C ARG C 181 -10.05 24.05 -31.14
N SER C 182 -10.01 25.04 -32.03
CA SER C 182 -9.47 24.88 -33.41
C SER C 182 -8.01 24.44 -33.30
N GLN C 183 -7.28 25.06 -32.38
CA GLN C 183 -5.83 24.79 -32.22
C GLN C 183 -5.61 23.37 -31.66
N ARG C 184 -6.42 22.97 -30.69
CA ARG C 184 -6.34 21.58 -30.11
C ARG C 184 -6.67 20.56 -31.21
N ILE C 185 -7.69 20.80 -32.03
CA ILE C 185 -8.08 19.81 -33.06
C ILE C 185 -6.96 19.69 -34.10
N VAL C 186 -6.34 20.80 -34.52
CA VAL C 186 -5.27 20.71 -35.57
C VAL C 186 -4.07 19.99 -34.96
N LYS C 187 -3.77 20.26 -33.69
CA LYS C 187 -2.62 19.60 -33.02
C LYS C 187 -2.88 18.08 -32.94
N GLN C 188 -4.12 17.69 -32.71
CA GLN C 188 -4.52 16.26 -32.74
C GLN C 188 -4.30 15.72 -34.15
N ALA C 189 -4.77 16.42 -35.18
CA ALA C 189 -4.61 16.01 -36.60
C ALA C 189 -3.14 15.93 -36.99
N MET C 190 -2.24 16.69 -36.34
CA MET C 190 -0.80 16.69 -36.68
C MET C 190 -0.09 15.46 -36.11
N LEU C 191 -0.73 14.71 -35.18
CA LEU C 191 -0.09 13.55 -34.52
C LEU C 191 0.48 12.60 -35.58
N THR C 192 1.75 12.30 -35.47
CA THR C 192 2.48 11.47 -36.47
C THR C 192 3.05 10.23 -35.77
N GLU C 193 3.63 10.42 -34.59
CA GLU C 193 4.35 9.35 -33.89
C GLU C 193 4.26 9.59 -32.39
N ALA C 194 4.08 8.52 -31.63
CA ALA C 194 4.19 8.60 -30.15
C ALA C 194 4.64 7.24 -29.62
N ASN C 195 5.46 7.31 -28.57
CA ASN C 195 5.92 6.12 -27.80
C ASN C 195 6.24 6.62 -26.40
N GLY C 196 6.87 5.77 -25.58
CA GLY C 196 7.29 6.10 -24.20
C GLY C 196 8.41 7.13 -24.12
N ASP C 197 9.06 7.49 -25.23
CA ASP C 197 10.20 8.46 -25.23
C ASP C 197 9.80 9.84 -25.78
N TYR C 198 8.93 9.93 -26.78
CA TYR C 198 8.59 11.23 -27.40
C TYR C 198 7.24 11.15 -28.11
N ILE C 199 6.71 12.33 -28.41
CA ILE C 199 5.54 12.54 -29.28
C ILE C 199 5.96 13.50 -30.39
N ILE C 200 5.67 13.17 -31.64
CA ILE C 200 5.91 14.05 -32.81
C ILE C 200 4.55 14.43 -33.40
N ARG C 201 4.32 15.74 -33.46
CA ARG C 201 3.23 16.39 -34.21
C ARG C 201 3.91 17.14 -35.35
N ALA C 202 3.56 16.83 -36.59
CA ALA C 202 4.28 17.34 -37.75
C ALA C 202 3.42 17.23 -39.00
N LYS C 203 3.94 17.82 -40.09
CA LYS C 203 3.31 17.75 -41.41
C LYS C 203 4.42 17.76 -42.46
N THR C 204 4.36 16.82 -43.40
CA THR C 204 5.21 16.81 -44.60
C THR C 204 4.66 17.78 -45.65
N GLY C 205 5.51 18.17 -46.57
CA GLY C 205 5.11 18.90 -47.79
C GLY C 205 6.13 18.67 -48.89
N TYR C 206 5.67 18.53 -50.12
CA TYR C 206 6.56 18.35 -51.29
C TYR C 206 6.17 19.41 -52.32
N SER C 207 7.04 20.37 -52.53
CA SER C 207 6.81 21.48 -53.51
C SER C 207 7.45 21.05 -54.82
N THR C 208 6.64 20.60 -55.79
CA THR C 208 7.15 20.01 -57.07
C THR C 208 6.67 20.80 -58.29
N ARG C 209 5.73 21.74 -58.16
CA ARG C 209 5.15 22.42 -59.36
C ARG C 209 6.07 23.54 -59.84
N ILE C 210 6.79 24.18 -58.93
CA ILE C 210 7.68 25.36 -59.20
C ILE C 210 9.04 25.08 -58.59
N GLU C 211 10.11 25.45 -59.29
CA GLU C 211 11.50 25.26 -58.80
C GLU C 211 11.74 26.25 -57.67
N PRO C 212 12.64 25.95 -56.69
CA PRO C 212 13.32 24.65 -56.65
C PRO C 212 12.43 23.60 -55.96
N LYS C 213 12.48 22.37 -56.45
CA LYS C 213 11.70 21.26 -55.89
C LYS C 213 12.29 20.93 -54.52
N ILE C 214 11.47 21.00 -53.48
CA ILE C 214 11.93 20.75 -52.08
C ILE C 214 10.93 19.86 -51.35
N GLY C 215 11.42 19.11 -50.38
CA GLY C 215 10.57 18.49 -49.34
C GLY C 215 10.69 19.25 -48.04
N TRP C 216 9.58 19.32 -47.32
CA TRP C 216 9.48 19.88 -45.96
C TRP C 216 9.15 18.78 -44.96
N TRP C 217 9.63 18.91 -43.74
CA TRP C 217 8.99 18.33 -42.53
C TRP C 217 9.04 19.37 -41.43
N VAL C 218 7.87 19.77 -40.91
CA VAL C 218 7.82 20.81 -39.86
C VAL C 218 6.90 20.32 -38.73
N GLY C 219 7.25 20.69 -37.51
CA GLY C 219 6.44 20.35 -36.34
C GLY C 219 7.22 20.47 -35.07
N TRP C 220 7.00 19.52 -34.15
CA TRP C 220 7.74 19.53 -32.87
C TRP C 220 7.77 18.13 -32.24
N VAL C 221 8.74 17.99 -31.36
CA VAL C 221 8.93 16.80 -30.51
C VAL C 221 8.59 17.20 -29.08
N GLU C 222 7.54 16.61 -28.51
CA GLU C 222 7.16 16.76 -27.09
C GLU C 222 7.93 15.73 -26.27
N LEU C 223 8.71 16.19 -25.32
CA LEU C 223 9.39 15.34 -24.30
C LEU C 223 8.63 15.54 -22.99
N ASP C 224 9.00 14.78 -21.96
CA ASP C 224 8.36 14.94 -20.62
C ASP C 224 8.47 16.38 -20.15
N ASP C 225 9.64 17.02 -20.33
CA ASP C 225 9.99 18.31 -19.64
C ASP C 225 10.44 19.39 -20.63
N ASN C 226 10.24 19.20 -21.93
CA ASN C 226 10.67 20.20 -22.93
C ASN C 226 9.90 19.94 -24.24
N VAL C 227 9.94 20.92 -25.13
CA VAL C 227 9.45 20.80 -26.52
C VAL C 227 10.58 21.29 -27.43
N TRP C 228 10.89 20.49 -28.44
CA TRP C 228 11.82 20.86 -29.52
C TRP C 228 11.02 21.08 -30.81
N PHE C 229 10.91 22.33 -31.23
CA PHE C 229 10.29 22.65 -32.53
C PHE C 229 11.32 22.35 -33.63
N PHE C 230 10.83 21.94 -34.79
CA PHE C 230 11.72 21.69 -35.94
C PHE C 230 11.05 22.16 -37.23
N ALA C 231 11.89 22.58 -38.16
CA ALA C 231 11.50 22.85 -39.55
C ALA C 231 12.69 22.48 -40.42
N MET C 232 12.46 21.60 -41.36
CA MET C 232 13.52 21.17 -42.30
C MET C 232 12.98 21.23 -43.72
N ASN C 233 13.85 21.60 -44.64
CA ASN C 233 13.58 21.41 -46.08
C ASN C 233 14.85 20.89 -46.75
N MET C 234 14.66 20.18 -47.85
CA MET C 234 15.77 19.54 -48.59
C MET C 234 15.46 19.60 -50.09
N ASP C 235 16.50 19.71 -50.90
CA ASP C 235 16.37 19.65 -52.37
C ASP C 235 15.85 18.24 -52.69
N MET C 236 14.85 18.18 -53.56
CA MET C 236 14.11 16.92 -53.84
C MET C 236 13.89 16.85 -55.35
N PRO C 237 14.91 16.45 -56.13
CA PRO C 237 14.80 16.40 -57.59
C PRO C 237 13.68 15.46 -58.09
N THR C 238 13.50 14.30 -57.43
CA THR C 238 12.44 13.28 -57.70
C THR C 238 11.78 12.89 -56.37
N SER C 239 10.54 12.37 -56.40
CA SER C 239 9.81 11.96 -55.16
C SER C 239 10.33 10.61 -54.65
N ASP C 240 11.35 10.04 -55.29
CA ASP C 240 11.92 8.70 -54.97
C ASP C 240 12.18 8.58 -53.46
N GLY C 241 12.78 9.60 -52.85
CA GLY C 241 13.22 9.58 -51.45
C GLY C 241 12.34 10.43 -50.54
N LEU C 242 11.01 10.30 -50.65
CA LEU C 242 10.03 11.05 -49.80
C LEU C 242 10.37 10.88 -48.30
N GLY C 243 10.68 9.63 -47.88
CA GLY C 243 10.98 9.27 -46.48
C GLY C 243 12.25 9.92 -45.96
N LEU C 244 13.09 10.53 -46.82
CA LEU C 244 14.39 11.12 -46.42
C LEU C 244 14.20 12.29 -45.46
N ALA C 245 13.18 13.13 -45.67
CA ALA C 245 12.97 14.33 -44.83
C ALA C 245 12.91 13.89 -43.36
N GLN C 246 12.16 12.82 -43.08
CA GLN C 246 11.97 12.30 -41.71
C GLN C 246 13.27 11.65 -41.25
N ALA C 247 13.89 10.82 -42.08
CA ALA C 247 15.10 10.07 -41.71
C ALA C 247 16.21 11.07 -41.35
N ILE C 248 16.39 12.11 -42.16
CA ILE C 248 17.47 13.10 -41.93
C ILE C 248 17.16 13.88 -40.65
N THR C 249 15.92 14.34 -40.48
CA THR C 249 15.53 15.08 -39.24
C THR C 249 15.83 14.20 -38.02
N LYS C 250 15.50 12.92 -38.07
CA LYS C 250 15.64 12.03 -36.88
C LYS C 250 17.12 11.79 -36.61
N GLU C 251 17.97 11.76 -37.64
CA GLU C 251 19.43 11.62 -37.44
C GLU C 251 19.93 12.84 -36.68
N VAL C 252 19.42 14.02 -37.01
CA VAL C 252 19.81 15.27 -36.29
C VAL C 252 19.25 15.20 -34.86
N LEU C 253 17.99 14.80 -34.70
CA LEU C 253 17.40 14.69 -33.33
C LEU C 253 18.23 13.71 -32.50
N LYS C 254 18.68 12.60 -33.08
CA LYS C 254 19.48 11.58 -32.35
C LYS C 254 20.85 12.17 -31.98
N GLN C 255 21.52 12.83 -32.92
CA GLN C 255 22.84 13.44 -32.66
C GLN C 255 22.74 14.41 -31.47
N GLU C 256 21.67 15.20 -31.41
CA GLU C 256 21.45 16.21 -30.34
C GLU C 256 20.84 15.57 -29.09
N LYS C 257 20.64 14.26 -29.07
CA LYS C 257 20.16 13.48 -27.87
C LYS C 257 18.74 13.90 -27.49
N ILE C 258 17.95 14.36 -28.44
CA ILE C 258 16.53 14.75 -28.23
C ILE C 258 15.69 13.48 -28.22
N ILE C 259 16.03 12.50 -29.06
CA ILE C 259 15.39 11.15 -29.06
C ILE C 259 16.52 10.13 -28.93
N PRO C 260 16.22 8.94 -28.36
CA PRO C 260 17.21 7.89 -28.18
C PRO C 260 17.54 7.12 -29.47
N GLY D 17 -19.89 -35.08 21.51
CA GLY D 17 -19.29 -36.17 22.32
C GLY D 17 -19.60 -36.05 23.80
N LYS D 18 -19.18 -37.04 24.59
CA LYS D 18 -19.36 -37.17 26.06
C LYS D 18 -18.69 -35.99 26.78
N GLU D 19 -19.17 -35.63 27.98
CA GLU D 19 -18.63 -34.54 28.82
C GLU D 19 -17.22 -34.87 29.33
N TRP D 20 -17.04 -36.06 29.95
CA TRP D 20 -15.73 -36.54 30.45
C TRP D 20 -15.33 -37.81 29.69
N GLN D 21 -14.09 -37.86 29.17
CA GLN D 21 -13.58 -39.05 28.45
C GLN D 21 -12.26 -39.51 29.12
N GLU D 22 -12.10 -40.81 29.33
CA GLU D 22 -10.91 -41.38 30.01
C GLU D 22 -9.92 -41.83 28.93
N ASN D 23 -8.66 -41.47 29.05
CA ASN D 23 -7.60 -41.81 28.08
C ASN D 23 -6.41 -42.34 28.88
N LYS D 24 -6.35 -43.66 29.09
CA LYS D 24 -5.32 -44.30 29.94
C LYS D 24 -3.94 -44.25 29.26
N SER D 25 -3.86 -43.97 27.96
CA SER D 25 -2.58 -43.92 27.22
C SER D 25 -1.64 -42.88 27.88
N TRP D 26 -2.20 -41.85 28.51
CA TRP D 26 -1.36 -40.81 29.18
C TRP D 26 -0.55 -41.44 30.32
N ASN D 27 -1.00 -42.57 30.87
CA ASN D 27 -0.29 -43.25 31.98
C ASN D 27 1.17 -43.55 31.54
N ALA D 28 1.42 -43.74 30.24
CA ALA D 28 2.77 -44.05 29.71
C ALA D 28 3.73 -42.89 30.06
N HIS D 29 3.23 -41.64 30.09
CA HIS D 29 4.06 -40.45 30.40
C HIS D 29 4.43 -40.44 31.88
N PHE D 30 3.53 -40.90 32.75
CA PHE D 30 3.81 -41.06 34.20
C PHE D 30 4.81 -42.19 34.38
N THR D 31 4.57 -43.33 33.74
CA THR D 31 5.40 -44.55 33.91
C THR D 31 6.84 -44.27 33.47
N GLU D 32 7.02 -43.56 32.35
CA GLU D 32 8.35 -43.15 31.82
C GLU D 32 9.15 -42.44 32.92
N HIS D 33 8.49 -41.60 33.72
CA HIS D 33 9.11 -40.76 34.78
C HIS D 33 8.89 -41.43 36.15
N LYS D 34 8.63 -42.74 36.13
CA LYS D 34 8.60 -43.65 37.31
C LYS D 34 7.56 -43.13 38.31
N SER D 35 6.41 -42.64 37.86
CA SER D 35 5.39 -42.04 38.73
C SER D 35 4.01 -42.61 38.39
N GLN D 36 2.98 -42.16 39.10
CA GLN D 36 1.55 -42.35 38.77
C GLN D 36 0.88 -41.03 39.07
N GLY D 37 -0.22 -40.73 38.40
CA GLY D 37 -0.96 -39.51 38.72
C GLY D 37 -2.07 -39.30 37.76
N VAL D 38 -2.56 -38.06 37.73
CA VAL D 38 -3.70 -37.69 36.87
C VAL D 38 -3.38 -36.36 36.20
N VAL D 39 -3.75 -36.27 34.92
CA VAL D 39 -3.88 -34.99 34.19
C VAL D 39 -5.35 -34.84 33.84
N VAL D 40 -5.88 -33.67 34.16
CA VAL D 40 -7.24 -33.30 33.72
C VAL D 40 -7.11 -32.14 32.73
N LEU D 41 -7.74 -32.26 31.56
CA LEU D 41 -7.83 -31.22 30.53
C LEU D 41 -9.27 -30.82 30.36
N TRP D 42 -9.48 -29.53 30.12
CA TRP D 42 -10.81 -28.98 29.79
C TRP D 42 -10.69 -28.10 28.54
N ASN D 43 -11.34 -28.53 27.47
CA ASN D 43 -11.48 -27.78 26.21
C ASN D 43 -12.58 -26.74 26.42
N GLU D 44 -12.22 -25.46 26.53
CA GLU D 44 -13.21 -24.42 26.90
C GLU D 44 -14.25 -24.26 25.77
N ASN D 45 -13.82 -24.27 24.51
CA ASN D 45 -14.78 -24.02 23.40
C ASN D 45 -15.82 -25.13 23.38
N LYS D 46 -15.36 -26.38 23.51
CA LYS D 46 -16.21 -27.58 23.32
C LYS D 46 -16.88 -27.95 24.64
N GLN D 47 -16.45 -27.39 25.78
CA GLN D 47 -17.01 -27.76 27.12
C GLN D 47 -16.90 -29.29 27.28
N GLN D 48 -15.71 -29.83 27.02
CA GLN D 48 -15.39 -31.28 27.15
C GLN D 48 -14.12 -31.45 27.99
N GLY D 49 -14.14 -32.44 28.87
CA GLY D 49 -13.03 -32.82 29.76
C GLY D 49 -12.41 -34.14 29.33
N PHE D 50 -11.11 -34.29 29.58
CA PHE D 50 -10.31 -35.49 29.25
C PHE D 50 -9.41 -35.76 30.46
N THR D 51 -9.28 -37.03 30.83
CA THR D 51 -8.39 -37.43 31.94
C THR D 51 -7.94 -38.86 31.74
N ASN D 52 -6.77 -39.20 32.27
CA ASN D 52 -6.28 -40.60 32.28
C ASN D 52 -6.86 -41.37 33.47
N ASN D 53 -7.53 -40.71 34.42
CA ASN D 53 -8.02 -41.40 35.64
C ASN D 53 -9.21 -40.65 36.22
N LEU D 54 -10.42 -41.08 35.87
CA LEU D 54 -11.67 -40.38 36.25
C LEU D 54 -11.72 -40.24 37.78
N LYS D 55 -11.40 -41.30 38.51
CA LYS D 55 -11.54 -41.25 40.00
C LYS D 55 -10.44 -40.35 40.60
N ARG D 56 -9.18 -40.47 40.20
CA ARG D 56 -8.12 -39.60 40.79
C ARG D 56 -8.34 -38.13 40.38
N ALA D 57 -8.94 -37.87 39.22
CA ALA D 57 -9.33 -36.51 38.79
C ALA D 57 -10.17 -35.84 39.90
N ASN D 58 -10.93 -36.60 40.68
CA ASN D 58 -11.88 -36.08 41.71
C ASN D 58 -11.36 -36.35 43.12
N GLN D 59 -10.13 -36.87 43.26
CA GLN D 59 -9.50 -37.08 44.58
C GLN D 59 -8.83 -35.78 45.08
N ALA D 60 -9.12 -35.40 46.32
CA ALA D 60 -8.73 -34.10 46.86
C ALA D 60 -7.43 -34.26 47.65
N PHE D 61 -6.49 -33.35 47.42
CA PHE D 61 -5.19 -33.30 48.08
C PHE D 61 -4.95 -31.91 48.66
N LEU D 62 -3.96 -31.79 49.54
CA LEU D 62 -3.42 -30.47 49.91
C LEU D 62 -3.00 -29.76 48.64
N PRO D 63 -3.39 -28.48 48.47
CA PRO D 63 -3.02 -27.71 47.27
C PRO D 63 -1.55 -27.28 47.23
N ALA D 64 -0.89 -27.26 48.39
CA ALA D 64 0.47 -26.71 48.57
C ALA D 64 0.54 -25.36 47.81
N SER D 65 1.63 -25.09 47.11
CA SER D 65 1.89 -23.74 46.53
C SER D 65 0.87 -23.42 45.41
N THR D 66 0.02 -24.35 44.93
CA THR D 66 -1.06 -23.96 43.98
C THR D 66 -1.99 -23.01 44.73
N PHE D 67 -1.98 -23.05 46.07
CA PHE D 67 -2.78 -22.12 46.90
C PHE D 67 -2.30 -20.68 46.75
N KCX D 68 -1.10 -20.45 46.19
CA KCX D 68 -0.65 -19.08 45.98
CB KCX D 68 0.83 -19.06 45.54
CG KCX D 68 1.80 -19.37 46.68
CD KCX D 68 3.28 -19.43 46.25
CE KCX D 68 4.22 -19.62 47.45
NZ KCX D 68 4.15 -20.97 48.01
C KCX D 68 -1.59 -18.34 45.01
O KCX D 68 -1.67 -17.11 45.07
CX KCX D 68 3.34 -21.29 49.09
OQ1 KCX D 68 2.72 -20.49 49.75
OQ2 KCX D 68 3.27 -22.58 49.31
H KCX D 68 -0.50 -21.21 45.93
HA KCX D 68 -0.70 -18.62 46.85
HB2 KCX D 68 1.03 -18.17 45.19
HB3 KCX D 68 0.95 -19.72 44.83
HG2 KCX D 68 1.55 -20.24 47.08
HG3 KCX D 68 1.70 -18.69 47.38
HD2 KCX D 68 3.52 -18.60 45.80
HD3 KCX D 68 3.40 -20.18 45.63
HE2 KCX D 68 3.99 -18.97 48.15
HE3 KCX D 68 5.14 -19.45 47.15
HZ KCX D 68 4.63 -21.60 47.65
HQ2 KCX D 68 3.76 -23.01 48.73
N ILE D 69 -2.34 -19.05 44.16
CA ILE D 69 -3.29 -18.38 43.28
C ILE D 69 -4.38 -17.73 44.12
N PRO D 70 -5.23 -18.45 44.89
CA PRO D 70 -6.26 -17.77 45.68
C PRO D 70 -5.67 -16.82 46.76
N ASN D 71 -4.55 -17.20 47.35
CA ASN D 71 -3.88 -16.36 48.38
C ASN D 71 -3.55 -14.98 47.77
N SER D 72 -2.94 -14.96 46.57
CA SER D 72 -2.62 -13.70 45.83
C SER D 72 -3.91 -12.90 45.63
N LEU D 73 -4.95 -13.54 45.12
CA LEU D 73 -6.23 -12.85 44.79
C LEU D 73 -6.76 -12.15 46.03
N ILE D 74 -6.77 -12.85 47.16
CA ILE D 74 -7.38 -12.32 48.41
C ILE D 74 -6.49 -11.17 48.92
N ALA D 75 -5.18 -11.37 48.92
CA ALA D 75 -4.22 -10.35 49.39
C ALA D 75 -4.37 -9.07 48.55
N LEU D 76 -4.55 -9.19 47.23
CA LEU D 76 -4.71 -8.00 46.33
C LEU D 76 -6.06 -7.35 46.61
N ASP D 77 -7.12 -8.15 46.74
CA ASP D 77 -8.49 -7.61 46.84
C ASP D 77 -8.65 -6.85 48.15
N LEU D 78 -7.98 -7.29 49.21
CA LEU D 78 -8.06 -6.67 50.55
C LEU D 78 -7.04 -5.53 50.72
N GLY D 79 -6.10 -5.35 49.80
CA GLY D 79 -5.10 -4.25 49.87
C GLY D 79 -3.88 -4.64 50.67
N VAL D 80 -3.75 -5.91 51.06
CA VAL D 80 -2.53 -6.45 51.72
C VAL D 80 -1.37 -6.35 50.71
N VAL D 81 -1.65 -6.62 49.43
CA VAL D 81 -0.72 -6.35 48.31
C VAL D 81 -1.31 -5.20 47.50
N LYS D 82 -0.58 -4.11 47.36
CA LYS D 82 -1.10 -2.90 46.66
C LYS D 82 -1.04 -3.16 45.17
N ASP D 83 0.04 -3.77 44.69
CA ASP D 83 0.22 -4.08 43.26
C ASP D 83 1.38 -5.06 43.11
N GLU D 84 1.67 -5.41 41.85
CA GLU D 84 2.69 -6.42 41.52
C GLU D 84 4.12 -5.85 41.68
N HIS D 85 4.27 -4.57 42.04
CA HIS D 85 5.59 -3.91 42.21
C HIS D 85 5.96 -3.78 43.70
N GLN D 86 4.98 -3.78 44.59
CA GLN D 86 5.24 -3.65 46.05
C GLN D 86 6.31 -4.67 46.44
N VAL D 87 7.32 -4.20 47.18
CA VAL D 87 8.47 -5.03 47.62
C VAL D 87 8.13 -5.62 49.00
N PHE D 88 8.32 -6.94 49.15
CA PHE D 88 8.22 -7.65 50.44
C PHE D 88 9.65 -7.99 50.85
N LYS D 89 10.12 -7.26 51.85
CA LYS D 89 11.53 -7.30 52.30
C LYS D 89 11.81 -8.68 52.88
N TRP D 90 12.89 -9.32 52.47
CA TRP D 90 13.39 -10.55 53.14
C TRP D 90 13.47 -10.30 54.65
N ASP D 91 13.00 -11.23 55.48
CA ASP D 91 13.04 -11.10 56.96
C ASP D 91 14.46 -11.35 57.49
N GLY D 92 15.40 -11.69 56.61
CA GLY D 92 16.83 -11.88 56.95
C GLY D 92 17.09 -13.23 57.60
N GLN D 93 16.11 -14.15 57.56
CA GLN D 93 16.30 -15.56 57.99
C GLN D 93 16.71 -16.43 56.80
N THR D 94 17.93 -16.97 56.80
CA THR D 94 18.45 -17.82 55.70
C THR D 94 17.63 -19.11 55.65
N ARG D 95 17.03 -19.42 54.51
CA ARG D 95 16.27 -20.68 54.28
C ARG D 95 17.00 -21.46 53.21
N ASP D 96 16.60 -22.72 52.97
CA ASP D 96 17.36 -23.68 52.12
C ASP D 96 17.21 -23.37 50.62
N ILE D 97 16.19 -22.62 50.22
CA ILE D 97 15.98 -22.19 48.81
C ILE D 97 16.60 -20.80 48.66
N ALA D 98 17.75 -20.73 47.98
CA ALA D 98 18.56 -19.50 47.75
C ALA D 98 17.66 -18.36 47.29
N THR D 99 16.77 -18.61 46.31
CA THR D 99 15.93 -17.55 45.69
C THR D 99 14.97 -16.93 46.74
N TRP D 100 14.74 -17.59 47.88
CA TRP D 100 13.85 -17.06 48.94
C TRP D 100 14.56 -16.02 49.79
N ASN D 101 15.90 -16.02 49.79
CA ASN D 101 16.73 -15.17 50.69
C ASN D 101 17.02 -13.83 50.04
N ARG D 102 15.96 -13.09 49.67
CA ARG D 102 16.07 -11.78 48.99
C ARG D 102 14.69 -11.13 49.00
N ASP D 103 14.63 -9.86 48.64
CA ASP D 103 13.36 -9.09 48.50
C ASP D 103 12.58 -9.68 47.31
N HIS D 104 11.26 -9.58 47.36
CA HIS D 104 10.37 -10.13 46.31
C HIS D 104 9.21 -9.18 46.09
N ASN D 105 8.66 -9.24 44.88
CA ASN D 105 7.34 -8.63 44.61
C ASN D 105 6.41 -9.80 44.28
N LEU D 106 5.17 -9.55 43.91
CA LEU D 106 4.19 -10.63 43.65
C LEU D 106 4.68 -11.50 42.48
N ILE D 107 5.28 -10.90 41.46
CA ILE D 107 5.72 -11.62 40.25
C ILE D 107 6.81 -12.61 40.65
N THR D 108 7.85 -12.16 41.35
CA THR D 108 9.00 -13.01 41.70
C THR D 108 8.58 -13.97 42.83
N ALA D 109 7.71 -13.56 43.75
CA ALA D 109 7.26 -14.44 44.86
C ALA D 109 6.49 -15.65 44.27
N MET D 110 5.66 -15.41 43.25
CA MET D 110 4.94 -16.51 42.56
C MET D 110 5.94 -17.37 41.77
N LYS D 111 6.82 -16.73 41.01
CA LYS D 111 7.79 -17.42 40.11
C LYS D 111 8.63 -18.42 40.92
N TYR D 112 9.14 -17.99 42.09
CA TYR D 112 10.07 -18.81 42.90
C TYR D 112 9.33 -19.48 44.06
N SER D 113 8.00 -19.37 44.10
CA SER D 113 7.15 -20.06 45.10
C SER D 113 7.66 -19.73 46.50
N VAL D 114 7.72 -18.43 46.82
CA VAL D 114 8.39 -17.93 48.05
C VAL D 114 7.40 -17.98 49.21
N VAL D 115 7.40 -19.12 49.92
CA VAL D 115 6.42 -19.44 51.00
C VAL D 115 6.41 -18.33 52.05
N PRO D 116 7.58 -17.86 52.57
CA PRO D 116 7.58 -16.85 53.64
C PRO D 116 6.76 -15.59 53.32
N VAL D 117 6.78 -15.13 52.07
CA VAL D 117 6.02 -13.92 51.63
C VAL D 117 4.52 -14.21 51.73
N TYR D 118 4.11 -15.40 51.29
CA TYR D 118 2.69 -15.81 51.30
C TYR D 118 2.23 -16.13 52.73
N GLN D 119 3.15 -16.60 53.58
CA GLN D 119 2.80 -16.81 55.02
C GLN D 119 2.48 -15.44 55.63
N GLU D 120 3.22 -14.40 55.27
CA GLU D 120 2.98 -13.02 55.79
C GLU D 120 1.63 -12.52 55.26
N PHE D 121 1.33 -12.72 53.98
CA PHE D 121 0.01 -12.36 53.41
C PHE D 121 -1.10 -13.00 54.23
N ALA D 122 -0.97 -14.31 54.45
CA ALA D 122 -1.99 -15.13 55.14
C ALA D 122 -2.23 -14.55 56.54
N ARG D 123 -1.16 -14.21 57.26
CA ARG D 123 -1.29 -13.64 58.64
C ARG D 123 -2.05 -12.32 58.59
N GLN D 124 -1.80 -11.48 57.59
CA GLN D 124 -2.48 -10.16 57.48
C GLN D 124 -3.91 -10.35 57.02
N ILE D 125 -4.16 -11.32 56.15
CA ILE D 125 -5.55 -11.63 55.73
C ILE D 125 -6.33 -12.03 56.99
N GLY D 126 -5.77 -12.96 57.77
CA GLY D 126 -6.42 -13.50 58.99
C GLY D 126 -7.42 -14.60 58.69
N GLU D 127 -7.71 -15.43 59.70
CA GLU D 127 -8.60 -16.62 59.60
C GLU D 127 -9.96 -16.22 59.03
N ALA D 128 -10.60 -15.20 59.59
CA ALA D 128 -12.01 -14.90 59.29
C ALA D 128 -12.12 -14.57 57.80
N ARG D 129 -11.28 -13.67 57.29
CA ARG D 129 -11.40 -13.21 55.88
C ARG D 129 -10.95 -14.35 54.96
N MET D 130 -9.94 -15.12 55.33
CA MET D 130 -9.42 -16.25 54.51
C MET D 130 -10.56 -17.24 54.27
N SER D 131 -11.18 -17.69 55.37
CA SER D 131 -12.36 -18.59 55.37
C SER D 131 -13.50 -18.02 54.50
N LYS D 132 -13.90 -16.77 54.71
CA LYS D 132 -15.02 -16.17 53.94
C LYS D 132 -14.68 -16.16 52.43
N MET D 133 -13.46 -15.78 52.08
CA MET D 133 -13.04 -15.70 50.65
C MET D 133 -13.06 -17.09 50.00
N LEU D 134 -12.55 -18.11 50.67
CA LEU D 134 -12.50 -19.47 50.07
C LEU D 134 -13.94 -19.98 49.91
N HIS D 135 -14.84 -19.65 50.82
CA HIS D 135 -16.28 -19.99 50.68
C HIS D 135 -16.84 -19.30 49.43
N ALA D 136 -16.59 -18.00 49.25
CA ALA D 136 -17.03 -17.23 48.07
C ALA D 136 -16.43 -17.84 46.79
N PHE D 137 -15.19 -18.33 46.85
CA PHE D 137 -14.51 -18.96 45.69
C PHE D 137 -15.00 -20.39 45.44
N ASP D 138 -15.79 -20.97 46.37
CA ASP D 138 -16.23 -22.38 46.32
C ASP D 138 -14.97 -23.28 46.21
N TYR D 139 -13.89 -22.93 46.93
CA TYR D 139 -12.53 -23.50 46.73
C TYR D 139 -12.38 -24.80 47.52
N GLY D 140 -12.32 -25.92 46.81
CA GLY D 140 -12.06 -27.23 47.40
C GLY D 140 -13.03 -27.53 48.56
N ASN D 141 -12.52 -28.01 49.70
CA ASN D 141 -13.38 -28.31 50.87
C ASN D 141 -13.58 -27.05 51.72
N GLU D 142 -12.97 -25.92 51.33
CA GLU D 142 -13.16 -24.61 52.02
C GLU D 142 -12.73 -24.68 53.50
N ASP D 143 -11.91 -25.64 53.89
CA ASP D 143 -11.52 -25.88 55.30
C ASP D 143 -10.10 -25.34 55.53
N ILE D 144 -9.96 -24.29 56.34
CA ILE D 144 -8.64 -23.65 56.64
C ILE D 144 -8.08 -24.15 57.98
N SER D 145 -8.58 -25.25 58.53
CA SER D 145 -8.19 -25.77 59.87
C SER D 145 -6.66 -25.91 59.92
N GLY D 146 -6.07 -25.47 61.03
CA GLY D 146 -4.61 -25.52 61.25
C GLY D 146 -4.07 -24.12 61.38
N ASN D 147 -2.80 -23.92 61.07
CA ASN D 147 -2.17 -22.58 61.19
C ASN D 147 -2.63 -21.72 60.00
N VAL D 148 -3.08 -20.49 60.27
CA VAL D 148 -3.56 -19.56 59.21
C VAL D 148 -2.44 -19.35 58.18
N ASP D 149 -1.19 -19.55 58.57
CA ASP D 149 -0.01 -19.30 57.71
C ASP D 149 0.60 -20.62 57.23
N SER D 150 -0.04 -21.78 57.40
CA SER D 150 0.51 -23.05 56.83
C SER D 150 -0.56 -24.06 56.40
N PHE D 151 -1.84 -23.74 56.49
CA PHE D 151 -2.93 -24.75 56.36
C PHE D 151 -2.92 -25.38 54.96
N TRP D 152 -2.43 -24.68 53.94
CA TRP D 152 -2.38 -25.17 52.53
C TRP D 152 -1.19 -26.14 52.38
N LEU D 153 -0.31 -26.22 53.36
CA LEU D 153 0.87 -27.12 53.35
C LEU D 153 0.66 -28.31 54.28
N ASP D 154 -0.03 -28.12 55.41
CA ASP D 154 -0.13 -29.21 56.44
C ASP D 154 -1.40 -29.08 57.27
N GLY D 155 -2.39 -28.31 56.83
CA GLY D 155 -3.69 -28.21 57.50
C GLY D 155 -4.80 -28.99 56.79
N GLY D 156 -6.03 -28.49 56.89
CA GLY D 156 -7.27 -29.21 56.57
C GLY D 156 -7.72 -29.05 55.14
N ILE D 157 -7.19 -28.06 54.40
CA ILE D 157 -7.73 -27.69 53.06
C ILE D 157 -7.42 -28.82 52.09
N ARG D 158 -8.39 -29.18 51.27
CA ARG D 158 -8.21 -30.24 50.22
C ARG D 158 -8.93 -29.77 48.95
N ILE D 159 -8.33 -30.07 47.80
CA ILE D 159 -8.89 -29.73 46.47
C ILE D 159 -8.46 -30.82 45.47
N SER D 160 -9.38 -31.20 44.58
CA SER D 160 -9.14 -32.18 43.50
C SER D 160 -8.69 -31.43 42.24
N ALA D 161 -8.14 -32.16 41.27
CA ALA D 161 -7.81 -31.59 39.94
C ALA D 161 -9.06 -30.96 39.29
N THR D 162 -10.24 -31.61 39.35
CA THR D 162 -11.46 -31.05 38.72
C THR D 162 -11.87 -29.77 39.44
N GLU D 163 -11.69 -29.72 40.76
CA GLU D 163 -12.02 -28.49 41.54
C GLU D 163 -11.05 -27.36 41.18
N GLN D 164 -9.79 -27.69 40.89
CA GLN D 164 -8.76 -26.70 40.46
C GLN D 164 -9.26 -26.10 39.13
N ILE D 165 -9.72 -26.94 38.21
CA ILE D 165 -10.20 -26.48 36.88
C ILE D 165 -11.42 -25.56 37.05
N SER D 166 -12.37 -25.91 37.90
CA SER D 166 -13.58 -25.09 38.14
CA SER D 166 -13.59 -25.08 38.10
C SER D 166 -13.17 -23.71 38.64
N PHE D 167 -12.26 -23.65 39.60
CA PHE D 167 -11.73 -22.39 40.17
C PHE D 167 -10.98 -21.58 39.10
N LEU D 168 -10.09 -22.22 38.34
CA LEU D 168 -9.29 -21.55 37.28
C LEU D 168 -10.22 -21.01 36.19
N ARG D 169 -11.31 -21.69 35.86
CA ARG D 169 -12.22 -21.23 34.79
C ARG D 169 -12.84 -19.92 35.25
N LYS D 170 -13.21 -19.82 36.52
CA LYS D 170 -13.79 -18.56 37.03
C LYS D 170 -12.73 -17.45 36.95
N LEU D 171 -11.50 -17.72 37.36
CA LEU D 171 -10.38 -16.75 37.32
C LEU D 171 -10.21 -16.28 35.88
N TYR D 172 -10.13 -17.21 34.92
CA TYR D 172 -9.91 -16.89 33.49
C TYR D 172 -10.98 -15.90 33.02
N HIS D 173 -12.24 -16.10 33.42
CA HIS D 173 -13.41 -15.31 32.96
C HIS D 173 -13.66 -14.10 33.88
N ASN D 174 -12.78 -13.82 34.85
CA ASN D 174 -12.94 -12.73 35.86
C ASN D 174 -14.26 -12.90 36.63
N LYS D 175 -14.67 -14.12 36.89
CA LYS D 175 -15.97 -14.41 37.54
C LYS D 175 -15.79 -14.66 39.05
N LEU D 176 -14.57 -14.64 39.60
CA LEU D 176 -14.41 -14.76 41.07
C LEU D 176 -14.93 -13.49 41.74
N HIS D 177 -15.34 -13.59 43.00
CA HIS D 177 -15.97 -12.50 43.79
C HIS D 177 -14.86 -11.63 44.38
N VAL D 178 -13.97 -11.12 43.52
CA VAL D 178 -12.91 -10.13 43.83
C VAL D 178 -12.86 -9.21 42.60
N SER D 179 -12.14 -8.11 42.68
CA SER D 179 -12.15 -7.07 41.62
C SER D 179 -11.62 -7.71 40.34
N GLU D 180 -12.04 -7.19 39.18
CA GLU D 180 -11.41 -7.50 37.88
C GLU D 180 -9.88 -7.31 37.99
N ARG D 181 -9.47 -6.18 38.56
CA ARG D 181 -8.05 -5.80 38.71
C ARG D 181 -7.27 -6.92 39.43
N SER D 182 -7.78 -7.43 40.55
CA SER D 182 -7.11 -8.51 41.32
C SER D 182 -6.89 -9.71 40.41
N GLN D 183 -7.91 -10.05 39.62
CA GLN D 183 -7.87 -11.26 38.77
C GLN D 183 -6.87 -11.07 37.63
N ARG D 184 -6.84 -9.88 37.01
CA ARG D 184 -5.86 -9.56 35.94
C ARG D 184 -4.43 -9.63 36.49
N ILE D 185 -4.20 -9.08 37.70
CA ILE D 185 -2.82 -9.07 38.25
C ILE D 185 -2.36 -10.51 38.53
N VAL D 186 -3.24 -11.36 39.08
CA VAL D 186 -2.82 -12.75 39.43
C VAL D 186 -2.54 -13.50 38.12
N LYS D 187 -3.36 -13.27 37.11
CA LYS D 187 -3.16 -13.96 35.80
C LYS D 187 -1.81 -13.53 35.20
N GLN D 188 -1.45 -12.27 35.36
CA GLN D 188 -0.11 -11.77 34.97
C GLN D 188 0.97 -12.53 35.77
N ALA D 189 0.82 -12.62 37.08
CA ALA D 189 1.80 -13.31 37.96
C ALA D 189 1.89 -14.80 37.61
N MET D 190 0.85 -15.40 37.05
CA MET D 190 0.86 -16.84 36.71
C MET D 190 1.66 -17.13 35.41
N LEU D 191 2.01 -16.08 34.63
CA LEU D 191 2.70 -16.27 33.33
C LEU D 191 3.93 -17.16 33.52
N THR D 192 4.03 -18.23 32.75
CA THR D 192 5.12 -19.23 32.86
C THR D 192 5.87 -19.33 31.53
N GLU D 193 5.14 -19.35 30.43
CA GLU D 193 5.74 -19.58 29.11
C GLU D 193 4.92 -18.81 28.07
N ALA D 194 5.58 -18.21 27.09
CA ALA D 194 4.86 -17.66 25.93
C ALA D 194 5.75 -17.69 24.71
N ASN D 195 5.13 -18.00 23.57
CA ASN D 195 5.78 -17.95 22.25
C ASN D 195 4.68 -17.64 21.24
N GLY D 196 5.02 -17.68 19.95
CA GLY D 196 4.08 -17.40 18.85
C GLY D 196 3.00 -18.47 18.68
N ASP D 197 3.09 -19.63 19.34
CA ASP D 197 2.07 -20.72 19.25
C ASP D 197 1.15 -20.79 20.48
N TYR D 198 1.64 -20.54 21.68
CA TYR D 198 0.79 -20.69 22.89
C TYR D 198 1.35 -19.86 24.04
N ILE D 199 0.48 -19.63 25.01
CA ILE D 199 0.77 -18.99 26.30
C ILE D 199 0.36 -19.95 27.41
N ILE D 200 1.25 -20.19 28.38
CA ILE D 200 0.91 -20.97 29.60
C ILE D 200 0.93 -20.06 30.81
N ARG D 201 -0.19 -20.02 31.53
CA ARG D 201 -0.32 -19.41 32.87
C ARG D 201 -0.60 -20.56 33.82
N ALA D 202 0.25 -20.73 34.84
CA ALA D 202 0.18 -21.91 35.71
C ALA D 202 0.92 -21.67 37.01
N LYS D 203 0.73 -22.60 37.96
CA LYS D 203 1.44 -22.59 39.25
C LYS D 203 1.73 -24.03 39.66
N THR D 204 2.99 -24.29 40.03
CA THR D 204 3.43 -25.55 40.63
C THR D 204 3.05 -25.59 42.11
N GLY D 205 3.03 -26.78 42.66
CA GLY D 205 2.91 -27.04 44.10
C GLY D 205 3.49 -28.39 44.46
N TYR D 206 4.18 -28.49 45.58
CA TYR D 206 4.77 -29.77 46.07
C TYR D 206 4.32 -29.95 47.52
N SER D 207 3.43 -30.91 47.75
CA SER D 207 2.89 -31.23 49.09
C SER D 207 3.77 -32.32 49.68
N THR D 208 4.68 -31.96 50.59
CA THR D 208 5.73 -32.88 51.12
C THR D 208 5.63 -33.06 52.65
N ARG D 209 4.84 -32.25 53.35
CA ARG D 209 4.81 -32.29 54.84
C ARG D 209 3.91 -33.41 55.33
N ILE D 210 2.86 -33.73 54.57
CA ILE D 210 1.83 -34.77 54.90
C ILE D 210 1.70 -35.75 53.74
N GLU D 211 1.56 -37.03 54.02
CA GLU D 211 1.38 -38.06 52.96
C GLU D 211 -0.02 -37.90 52.36
N PRO D 212 -0.24 -38.26 51.08
CA PRO D 212 0.84 -38.74 50.21
C PRO D 212 1.59 -37.55 49.57
N LYS D 213 2.89 -37.69 49.39
CA LYS D 213 3.71 -36.64 48.78
C LYS D 213 3.33 -36.53 47.31
N ILE D 214 2.88 -35.36 46.88
CA ILE D 214 2.43 -35.15 45.47
C ILE D 214 2.99 -33.84 44.93
N GLY D 215 3.20 -33.81 43.62
CA GLY D 215 3.43 -32.57 42.87
C GLY D 215 2.17 -32.18 42.11
N TRP D 216 1.92 -30.88 42.02
CA TRP D 216 0.83 -30.27 41.21
C TRP D 216 1.44 -29.45 40.07
N TRP D 217 0.72 -29.36 38.96
CA TRP D 217 0.80 -28.22 38.01
C TRP D 217 -0.61 -27.90 37.56
N VAL D 218 -1.07 -26.69 37.82
CA VAL D 218 -2.45 -26.28 37.42
C VAL D 218 -2.38 -24.94 36.66
N GLY D 219 -3.25 -24.77 35.69
CA GLY D 219 -3.35 -23.52 34.95
C GLY D 219 -4.07 -23.72 33.64
N TRP D 220 -3.59 -23.05 32.59
CA TRP D 220 -4.21 -23.19 31.27
C TRP D 220 -3.24 -22.80 30.16
N VAL D 221 -3.59 -23.30 28.97
CA VAL D 221 -2.91 -22.96 27.70
C VAL D 221 -3.86 -22.07 26.90
N GLU D 222 -3.43 -20.84 26.61
CA GLU D 222 -4.14 -19.89 25.72
C GLU D 222 -3.66 -20.11 24.30
N LEU D 223 -4.59 -20.45 23.41
CA LEU D 223 -4.33 -20.53 21.96
C LEU D 223 -4.98 -19.29 21.32
N ASP D 224 -4.81 -19.12 20.02
CA ASP D 224 -5.46 -17.99 19.30
C ASP D 224 -6.97 -18.03 19.52
N ASP D 225 -7.58 -19.22 19.44
CA ASP D 225 -9.05 -19.40 19.28
C ASP D 225 -9.63 -20.34 20.33
N ASN D 226 -8.86 -20.72 21.35
CA ASN D 226 -9.35 -21.64 22.40
C ASN D 226 -8.50 -21.46 23.66
N VAL D 227 -9.00 -21.99 24.77
CA VAL D 227 -8.26 -22.15 26.05
C VAL D 227 -8.42 -23.60 26.47
N TRP D 228 -7.31 -24.24 26.81
CA TRP D 228 -7.26 -25.57 27.45
C TRP D 228 -6.84 -25.41 28.90
N PHE D 229 -7.76 -25.61 29.83
CA PHE D 229 -7.45 -25.65 31.26
C PHE D 229 -6.81 -27.00 31.58
N PHE D 230 -5.91 -26.99 32.54
CA PHE D 230 -5.28 -28.26 33.00
C PHE D 230 -5.08 -28.23 34.51
N ALA D 231 -5.15 -29.41 35.08
CA ALA D 231 -4.78 -29.66 36.48
C ALA D 231 -4.22 -31.05 36.57
N MET D 232 -2.99 -31.16 37.05
CA MET D 232 -2.32 -32.45 37.17
C MET D 232 -1.72 -32.57 38.57
N ASN D 233 -1.74 -33.78 39.10
CA ASN D 233 -0.94 -34.14 40.30
C ASN D 233 -0.33 -35.51 40.07
N MET D 234 0.79 -35.76 40.73
CA MET D 234 1.60 -36.98 40.55
C MET D 234 2.20 -37.37 41.91
N ASP D 235 2.35 -38.67 42.14
CA ASP D 235 3.08 -39.17 43.33
C ASP D 235 4.53 -38.73 43.17
N MET D 236 5.10 -38.17 44.22
CA MET D 236 6.40 -37.48 44.20
C MET D 236 7.19 -37.96 45.42
N PRO D 237 7.85 -39.12 45.31
CA PRO D 237 8.52 -39.76 46.46
C PRO D 237 9.59 -38.87 47.13
N THR D 238 10.39 -38.16 46.32
CA THR D 238 11.39 -37.14 46.71
C THR D 238 11.25 -35.95 45.74
N SER D 239 11.74 -34.76 46.12
CA SER D 239 11.70 -33.53 45.29
C SER D 239 12.76 -33.58 44.19
N ASP D 240 13.47 -34.70 44.01
CA ASP D 240 14.38 -34.98 42.85
C ASP D 240 13.72 -34.57 41.54
N GLY D 241 12.43 -34.89 41.35
CA GLY D 241 11.71 -34.66 40.09
C GLY D 241 10.79 -33.45 40.13
N LEU D 242 11.29 -32.31 40.62
CA LEU D 242 10.51 -31.03 40.65
C LEU D 242 10.02 -30.69 39.22
N GLY D 243 10.88 -30.84 38.21
CA GLY D 243 10.54 -30.49 36.81
C GLY D 243 9.50 -31.44 36.21
N LEU D 244 9.18 -32.55 36.88
CA LEU D 244 8.46 -33.68 36.23
C LEU D 244 7.01 -33.30 35.98
N ALA D 245 6.37 -32.56 36.90
CA ALA D 245 4.94 -32.20 36.75
C ALA D 245 4.76 -31.48 35.39
N GLN D 246 5.67 -30.58 35.05
CA GLN D 246 5.60 -29.78 33.80
C GLN D 246 5.91 -30.71 32.62
N ALA D 247 6.97 -31.52 32.72
CA ALA D 247 7.40 -32.40 31.62
C ALA D 247 6.27 -33.37 31.28
N ILE D 248 5.63 -33.96 32.29
CA ILE D 248 4.52 -34.94 32.06
C ILE D 248 3.34 -34.21 31.41
N THR D 249 2.95 -33.06 31.96
CA THR D 249 1.80 -32.30 31.40
C THR D 249 2.07 -31.97 29.93
N LYS D 250 3.30 -31.56 29.61
CA LYS D 250 3.62 -31.14 28.21
C LYS D 250 3.57 -32.35 27.28
N GLU D 251 3.96 -33.52 27.75
CA GLU D 251 3.87 -34.77 26.93
CA GLU D 251 3.88 -34.73 26.87
C GLU D 251 2.39 -35.01 26.59
N VAL D 252 1.49 -34.78 27.54
CA VAL D 252 0.04 -34.97 27.32
C VAL D 252 -0.44 -33.85 26.39
N LEU D 253 -0.05 -32.62 26.62
CA LEU D 253 -0.48 -31.50 25.73
C LEU D 253 -0.02 -31.77 24.29
N LYS D 254 1.19 -32.29 24.11
CA LYS D 254 1.73 -32.59 22.77
C LYS D 254 0.93 -33.73 22.13
N GLN D 255 0.67 -34.80 22.87
CA GLN D 255 -0.07 -35.97 22.37
C GLN D 255 -1.43 -35.51 21.85
N GLU D 256 -2.10 -34.62 22.58
CA GLU D 256 -3.46 -34.15 22.25
C GLU D 256 -3.40 -33.00 21.22
N LYS D 257 -2.22 -32.64 20.73
CA LYS D 257 -2.01 -31.65 19.64
C LYS D 257 -2.43 -30.24 20.10
N ILE D 258 -2.40 -29.97 21.39
CA ILE D 258 -2.74 -28.65 21.97
C ILE D 258 -1.55 -27.71 21.79
N ILE D 259 -0.34 -28.24 21.93
CA ILE D 259 0.92 -27.51 21.65
C ILE D 259 1.70 -28.37 20.66
N PRO D 260 2.55 -27.76 19.81
CA PRO D 260 3.46 -28.49 18.94
C PRO D 260 4.51 -29.30 19.72
C1 1BO E . 13.48 7.86 28.99
C2 1BO E . 14.22 7.92 27.68
C3 1BO E . 13.48 8.76 26.67
C4 1BO E . 14.20 9.14 25.40
OH 1BO E . 14.91 10.38 25.45
H11 1BO E . 13.82 7.12 29.53
H12 1BO E . 12.53 7.73 28.82
H13 1BO E . 13.61 8.70 29.48
H21 1BO E . 14.32 7.01 27.34
H22 1BO E . 15.11 8.31 27.83
H31 1BO E . 13.19 9.58 27.12
H32 1BO E . 12.67 8.26 26.42
H41 1BO E . 13.53 9.20 24.67
H42 1BO E . 14.82 8.42 25.16
HO 1BO E . 15.37 10.41 26.17
C1 1BO F . -2.92 -2.72 4.68
C2 1BO F . -1.48 -2.34 4.42
C3 1BO F . -0.61 -2.17 5.64
C4 1BO F . 0.80 -1.76 5.31
OH 1BO F . 0.84 -0.63 4.41
H11 1BO F . -3.39 -2.80 3.85
H12 1BO F . -3.34 -2.03 5.23
H13 1BO F . -2.95 -3.57 5.15
H21 1BO F . -1.48 -1.51 3.91
H22 1BO F . -1.09 -3.04 3.85
H31 1BO F . -0.59 -3.02 6.14
H32 1BO F . -1.01 -1.49 6.22
H41 1BO F . 1.26 -2.52 4.90
H42 1BO F . 1.26 -1.53 6.14
HO 1BO F . 0.73 0.08 4.87
BR BR G . 0.37 -11.06 30.82
BR BR H . -8.47 -4.00 35.64
BR BR H . -7.12 -3.04 36.15
C1 1BO I . 0.37 4.93 -3.39
C2 1BO I . 0.39 3.46 -3.74
C3 1BO I . -0.47 3.04 -4.92
C4 1BO I . -0.60 1.53 -5.03
OH 1BO I . -1.49 0.94 -4.07
H11 1BO I . 0.95 5.09 -2.62
H12 1BO I . -0.54 5.20 -3.17
H13 1BO I . 0.69 5.45 -4.14
H21 1BO I . 0.09 2.95 -2.95
H22 1BO I . 1.32 3.20 -3.92
H31 1BO I . -0.06 3.38 -5.75
H32 1BO I . -1.35 3.44 -4.84
H41 1BO I . 0.28 1.12 -4.94
H42 1BO I . -0.93 1.31 -5.94
HO 1BO I . -2.27 1.26 -4.18
BR BR J . -3.55 14.05 -29.32
BR BR K . -12.55 22.04 -26.95
BR BR K . -10.98 23.02 -26.50
BR BR L . -21.36 18.55 -12.58
C1 1BO M . -18.25 -18.57 29.98
C2 1BO M . -19.03 -18.18 31.21
C3 1BO M . -18.24 -18.23 32.49
C4 1BO M . -17.96 -19.62 33.02
OH 1BO M . -17.28 -19.57 34.28
H11 1BO M . -18.82 -18.52 29.19
H12 1BO M . -17.92 -19.48 30.07
H13 1BO M . -17.49 -17.98 29.87
H21 1BO M . -19.81 -18.78 31.29
H22 1BO M . -19.37 -17.26 31.08
H31 1BO M . -18.73 -17.73 33.18
H32 1BO M . -17.39 -17.77 32.35
H41 1BO M . -17.41 -20.11 32.38
H42 1BO M . -18.80 -20.10 33.13
HO 1BO M . -17.00 -18.79 34.43
#